data_4GKS
#
_entry.id   4GKS
#
_cell.length_a   201.540
_cell.length_b   46.780
_cell.length_c   115.860
_cell.angle_alpha   90.00
_cell.angle_beta   121.66
_cell.angle_gamma   90.00
#
_symmetry.space_group_name_H-M   'C 1 2 1'
#
loop_
_entity.id
_entity.type
_entity.pdbx_description
1 polymer 'HLA class I histocompatibility antigen, A-2 alpha chain'
2 polymer Beta-2-microglobulin
3 polymer 'FLT Cognate peptide'
4 non-polymer 1,2-ETHANEDIOL
5 non-polymer 'SULFATE ION'
6 non-polymer GLYCEROL
7 water water
#
loop_
_entity_poly.entity_id
_entity_poly.type
_entity_poly.pdbx_seq_one_letter_code
_entity_poly.pdbx_strand_id
1 'polypeptide(L)'
;GSHSMRYFFTSVSRPGRGEPRFIAVGYVDDTQFVRFDSDAASQRMEPRAPWIEQEGPEYWDGETRKVKAHSQTHRVDLGT
LRGYYNQSEAGSHTVQRMYGCDVGSDWRFLRGYHQYAYDGKDYIALKEDLRSWTAADMAAQTTKHKWEAAHVAEQLRAYL
EGTCVEWLRRYLENGKETLQRTDAPKTHMTHHAVSDHEATLRCWALSFYPAEITLTWQRDGEDQTQDTELVETRPAGDGT
FQKWAAVVVPSGQEQRYTCHVQHEGLPKPLTLRWEP
;
A,D
2 'polypeptide(L)'
;MIQRTPKIQVYSRHPAENGKSNFLNCYVSGFHPSDIEVDLLKNGERIEKVEHSDLSFSKDWSFYLLYYTEFTPTEKDEYA
CRVNHVTLSQPKIVKWDRDM
;
B,E
3 'polypeptide(L)' FLTGIGIITV C,F
#
loop_
_chem_comp.id
_chem_comp.type
_chem_comp.name
_chem_comp.formula
EDO non-polymer 1,2-ETHANEDIOL 'C2 H6 O2'
GOL non-polymer GLYCEROL 'C3 H8 O3'
SO4 non-polymer 'SULFATE ION' 'O4 S -2'
#
# COMPACT_ATOMS: atom_id res chain seq x y z
N GLY A 1 -6.27 -9.67 -4.90
CA GLY A 1 -5.45 -9.36 -6.10
C GLY A 1 -6.06 -9.62 -7.47
N SER A 2 -7.40 -9.63 -7.55
CA SER A 2 -8.14 -9.85 -8.82
C SER A 2 -8.14 -8.65 -9.78
N HIS A 3 -8.02 -8.95 -11.07
CA HIS A 3 -8.12 -7.91 -12.06
C HIS A 3 -9.06 -8.28 -13.17
N SER A 4 -9.61 -7.26 -13.82
CA SER A 4 -10.40 -7.46 -15.00
C SER A 4 -10.07 -6.46 -16.08
N MET A 5 -10.49 -6.81 -17.30
CA MET A 5 -10.53 -5.90 -18.40
C MET A 5 -11.91 -6.01 -19.07
N ARG A 6 -12.57 -4.87 -19.23
CA ARG A 6 -13.84 -4.83 -19.89
C ARG A 6 -13.89 -3.72 -20.95
N TYR A 7 -14.56 -4.03 -22.04
CA TYR A 7 -14.88 -3.06 -23.05
C TYR A 7 -16.34 -2.85 -23.05
N PHE A 8 -16.77 -1.64 -23.39
CA PHE A 8 -18.17 -1.22 -23.30
C PHE A 8 -18.45 -0.47 -24.54
N PHE A 9 -19.48 -0.88 -25.28
CA PHE A 9 -19.79 -0.24 -26.54
C PHE A 9 -21.24 0.22 -26.57
N THR A 10 -21.45 1.46 -26.98
CA THR A 10 -22.79 2.02 -27.11
C THR A 10 -22.93 2.56 -28.52
N SER A 11 -24.06 2.22 -29.14
CA SER A 11 -24.42 2.68 -30.46
C SER A 11 -25.87 3.13 -30.38
N VAL A 12 -26.09 4.35 -30.83
CA VAL A 12 -27.36 5.05 -30.75
C VAL A 12 -27.69 5.55 -32.14
N SER A 13 -28.87 5.21 -32.63
CA SER A 13 -29.25 5.65 -33.94
C SER A 13 -29.83 7.02 -33.87
N ARG A 14 -29.86 7.71 -35.02
CA ARG A 14 -30.46 9.02 -35.08
C ARG A 14 -31.69 8.95 -35.96
N PRO A 15 -32.69 9.80 -35.68
CA PRO A 15 -33.80 9.92 -36.61
C PRO A 15 -33.33 9.88 -38.06
N GLY A 16 -34.02 9.11 -38.87
CA GLY A 16 -33.94 9.24 -40.32
C GLY A 16 -32.76 8.54 -40.94
N ARG A 17 -31.95 9.32 -41.63
CA ARG A 17 -30.88 8.78 -42.46
C ARG A 17 -29.51 9.00 -41.80
N GLY A 18 -29.52 9.71 -40.68
CA GLY A 18 -28.31 10.09 -39.99
C GLY A 18 -27.56 8.91 -39.37
N GLU A 19 -26.24 8.93 -39.55
CA GLU A 19 -25.30 7.95 -38.97
C GLU A 19 -25.48 7.76 -37.47
N PRO A 20 -25.38 6.50 -37.03
CA PRO A 20 -25.36 6.17 -35.61
C PRO A 20 -24.10 6.66 -34.92
N ARG A 21 -24.26 7.10 -33.68
CA ARG A 21 -23.11 7.41 -32.86
C ARG A 21 -22.51 6.14 -32.31
N PHE A 22 -21.19 6.04 -32.37
CA PHE A 22 -20.53 4.92 -31.74
C PHE A 22 -19.56 5.38 -30.65
N ILE A 23 -19.62 4.75 -29.48
CA ILE A 23 -18.67 5.02 -28.43
C ILE A 23 -18.12 3.72 -27.88
N ALA A 24 -16.81 3.62 -27.81
CA ALA A 24 -16.20 2.53 -27.11
C ALA A 24 -15.20 3.06 -26.06
N VAL A 25 -15.15 2.34 -24.94
CA VAL A 25 -14.22 2.64 -23.90
C VAL A 25 -13.73 1.33 -23.34
N GLY A 26 -12.49 1.31 -22.90
CA GLY A 26 -11.96 0.10 -22.29
C GLY A 26 -11.45 0.37 -20.90
N TYR A 27 -11.53 -0.66 -20.05
CA TYR A 27 -11.20 -0.54 -18.66
C TYR A 27 -10.35 -1.69 -18.28
N VAL A 28 -9.33 -1.41 -17.49
CA VAL A 28 -8.73 -2.43 -16.68
C VAL A 28 -9.14 -2.04 -15.29
N ASP A 29 -9.78 -2.96 -14.57
CA ASP A 29 -10.42 -2.64 -13.29
C ASP A 29 -11.26 -1.37 -13.35
N ASP A 30 -11.03 -0.48 -12.38
CA ASP A 30 -11.80 0.75 -12.33
C ASP A 30 -11.10 1.86 -13.09
N THR A 31 -10.10 1.46 -13.88
CA THR A 31 -9.30 2.39 -14.68
C THR A 31 -9.56 2.22 -16.17
N GLN A 32 -10.16 3.24 -16.76
CA GLN A 32 -10.33 3.32 -18.19
C GLN A 32 -8.99 3.70 -18.85
N PHE A 33 -8.78 3.35 -20.13
CA PHE A 33 -7.49 3.58 -20.80
C PHE A 33 -7.56 3.87 -22.30
N VAL A 34 -8.64 3.43 -22.96
CA VAL A 34 -8.89 3.71 -24.38
C VAL A 34 -10.31 4.22 -24.57
N ARG A 35 -10.50 4.99 -25.62
CA ARG A 35 -11.83 5.35 -26.06
C ARG A 35 -11.88 5.60 -27.55
N PHE A 36 -13.08 5.49 -28.08
CA PHE A 36 -13.34 5.85 -29.46
C PHE A 36 -14.67 6.55 -29.49
N ASP A 37 -14.74 7.65 -30.19
CA ASP A 37 -15.99 8.33 -30.34
C ASP A 37 -16.18 8.78 -31.76
N SER A 38 -17.20 8.25 -32.42
CA SER A 38 -17.51 8.60 -33.80
C SER A 38 -17.59 10.12 -33.95
N ASP A 39 -18.19 10.77 -32.97
CA ASP A 39 -18.29 12.24 -32.96
C ASP A 39 -16.97 13.05 -32.84
N ALA A 40 -15.89 12.41 -32.40
CA ALA A 40 -14.66 13.14 -32.09
C ALA A 40 -13.77 13.25 -33.31
N ALA A 41 -12.73 14.06 -33.22
CA ALA A 41 -11.99 14.48 -34.42
C ALA A 41 -11.01 13.44 -34.95
N SER A 42 -10.29 12.75 -34.05
CA SER A 42 -9.22 11.86 -34.47
C SER A 42 -9.66 10.85 -35.53
N GLN A 43 -10.67 10.04 -35.18
CA GLN A 43 -11.18 8.89 -35.94
C GLN A 43 -10.40 7.63 -35.62
N ARG A 44 -9.89 7.56 -34.38
CA ARG A 44 -8.96 6.53 -33.96
C ARG A 44 -9.23 6.07 -32.56
N MET A 45 -8.71 4.89 -32.23
CA MET A 45 -8.52 4.57 -30.84
C MET A 45 -7.52 5.61 -30.27
N GLU A 46 -8.03 6.43 -29.37
CA GLU A 46 -7.25 7.42 -28.61
C GLU A 46 -6.93 6.90 -27.22
N PRO A 47 -5.68 7.08 -26.75
CA PRO A 47 -5.41 6.68 -25.35
C PRO A 47 -6.02 7.62 -24.30
N ARG A 48 -6.45 7.04 -23.19
CA ARG A 48 -7.11 7.77 -22.09
C ARG A 48 -6.35 7.65 -20.78
N ALA A 49 -5.33 6.80 -20.79
CA ALA A 49 -4.44 6.68 -19.65
C ALA A 49 -3.04 6.86 -20.16
N PRO A 50 -2.15 7.37 -19.29
CA PRO A 50 -0.76 7.63 -19.65
C PRO A 50 -0.01 6.37 -20.09
N TRP A 51 -0.04 5.33 -19.25
CA TRP A 51 0.71 4.08 -19.43
C TRP A 51 0.33 3.26 -20.66
N ILE A 52 -0.78 3.59 -21.31
CA ILE A 52 -1.13 2.88 -22.53
C ILE A 52 -0.42 3.52 -23.70
N GLU A 53 0.10 4.73 -23.50
CA GLU A 53 0.84 5.40 -24.56
C GLU A 53 2.15 4.74 -24.95
N GLN A 54 2.65 3.83 -24.11
CA GLN A 54 3.87 3.07 -24.39
C GLN A 54 3.69 2.20 -25.61
N GLU A 55 2.44 1.93 -25.96
CA GLU A 55 2.12 1.13 -27.11
C GLU A 55 2.43 1.89 -28.39
N GLY A 56 2.90 1.14 -29.40
CA GLY A 56 3.45 1.70 -30.64
C GLY A 56 2.46 1.93 -31.76
N PRO A 57 2.94 2.51 -32.88
CA PRO A 57 2.14 2.79 -34.06
C PRO A 57 1.19 1.67 -34.42
N GLU A 58 1.71 0.44 -34.51
CA GLU A 58 0.91 -0.71 -34.94
C GLU A 58 -0.26 -0.98 -34.01
N TYR A 59 0.01 -0.91 -32.72
CA TYR A 59 -1.00 -1.15 -31.73
C TYR A 59 -2.21 -0.24 -32.00
N TRP A 60 -1.96 1.01 -32.37
CA TRP A 60 -3.05 1.96 -32.55
C TRP A 60 -3.90 1.75 -33.80
N ASP A 61 -3.27 1.18 -34.84
CA ASP A 61 -3.92 0.74 -36.09
C ASP A 61 -4.80 -0.45 -35.79
N GLY A 62 -4.24 -1.41 -35.06
CA GLY A 62 -4.94 -2.63 -34.79
C GLY A 62 -6.24 -2.27 -34.13
N GLU A 63 -6.16 -1.47 -33.06
CA GLU A 63 -7.33 -1.21 -32.26
C GLU A 63 -8.27 -0.27 -32.99
N THR A 64 -7.70 0.63 -33.81
CA THR A 64 -8.52 1.48 -34.66
C THR A 64 -9.33 0.66 -35.68
N ARG A 65 -8.67 -0.30 -36.31
CA ARG A 65 -9.30 -1.14 -37.32
C ARG A 65 -10.38 -1.95 -36.67
N LYS A 66 -10.04 -2.51 -35.51
CA LYS A 66 -10.90 -3.45 -34.81
C LYS A 66 -12.09 -2.77 -34.22
N VAL A 67 -11.93 -1.49 -33.89
CA VAL A 67 -13.01 -0.72 -33.30
C VAL A 67 -13.94 -0.25 -34.42
N LYS A 68 -13.38 -0.01 -35.59
CA LYS A 68 -14.19 0.33 -36.76
C LYS A 68 -14.98 -0.87 -37.24
N ALA A 69 -14.38 -2.06 -37.19
CA ALA A 69 -15.12 -3.26 -37.52
C ALA A 69 -16.20 -3.48 -36.48
N HIS A 70 -15.92 -3.21 -35.21
CA HIS A 70 -16.96 -3.32 -34.21
C HIS A 70 -18.11 -2.36 -34.55
N SER A 71 -17.76 -1.11 -34.87
CA SER A 71 -18.74 -0.10 -35.28
C SER A 71 -19.57 -0.50 -36.53
N GLN A 72 -18.93 -1.12 -37.50
CA GLN A 72 -19.64 -1.45 -38.73
C GLN A 72 -20.70 -2.50 -38.36
N THR A 73 -20.38 -3.39 -37.42
CA THR A 73 -21.38 -4.40 -37.08
C THR A 73 -22.51 -3.85 -36.20
N HIS A 74 -22.19 -2.90 -35.32
CA HIS A 74 -23.24 -2.12 -34.62
C HIS A 74 -24.13 -1.29 -35.51
N ARG A 75 -23.53 -0.61 -36.48
CA ARG A 75 -24.30 0.07 -37.50
C ARG A 75 -25.33 -0.84 -38.14
N VAL A 76 -24.92 -2.02 -38.59
CA VAL A 76 -25.87 -2.94 -39.22
C VAL A 76 -26.89 -3.54 -38.20
N ASP A 77 -26.42 -3.86 -36.99
CA ASP A 77 -27.32 -4.42 -35.96
C ASP A 77 -28.56 -3.54 -35.80
N LEU A 78 -28.33 -2.24 -35.68
CA LEU A 78 -29.40 -1.29 -35.46
C LEU A 78 -30.45 -1.42 -36.54
N GLY A 79 -30.02 -1.45 -37.79
CA GLY A 79 -30.95 -1.73 -38.90
C GLY A 79 -31.74 -3.01 -38.69
N THR A 80 -31.06 -4.10 -38.33
CA THR A 80 -31.75 -5.38 -38.17
C THR A 80 -32.66 -5.31 -36.97
N LEU A 81 -32.18 -4.81 -35.84
CA LEU A 81 -33.02 -4.72 -34.68
C LEU A 81 -34.26 -3.83 -34.90
N ARG A 82 -34.10 -2.73 -35.61
CA ARG A 82 -35.23 -1.86 -35.96
C ARG A 82 -36.27 -2.68 -36.76
N GLY A 83 -35.83 -3.73 -37.46
CA GLY A 83 -36.72 -4.61 -38.20
C GLY A 83 -37.33 -5.72 -37.37
N TYR A 84 -36.51 -6.44 -36.59
CA TYR A 84 -37.02 -7.51 -35.71
C TYR A 84 -38.10 -7.04 -34.74
N TYR A 85 -38.03 -5.76 -34.35
CA TYR A 85 -39.04 -5.16 -33.51
C TYR A 85 -39.98 -4.22 -34.25
N ASN A 86 -40.06 -4.35 -35.59
CA ASN A 86 -40.87 -3.47 -36.46
C ASN A 86 -41.11 -2.07 -35.88
N GLN A 87 -40.03 -1.32 -35.77
CA GLN A 87 -40.06 0.01 -35.17
C GLN A 87 -39.86 1.00 -36.28
N SER A 88 -40.59 2.11 -36.23
CA SER A 88 -40.43 3.11 -37.26
C SER A 88 -38.98 3.61 -37.24
N GLU A 89 -38.59 4.18 -38.37
CA GLU A 89 -37.26 4.75 -38.59
C GLU A 89 -37.15 6.11 -37.88
N ALA A 90 -38.27 6.57 -37.30
CA ALA A 90 -38.38 7.83 -36.54
C ALA A 90 -37.55 7.89 -35.25
N GLY A 91 -37.75 6.92 -34.35
CA GLY A 91 -37.18 6.99 -33.00
C GLY A 91 -35.72 6.57 -32.84
N SER A 92 -35.09 7.09 -31.80
CA SER A 92 -33.72 6.72 -31.44
C SER A 92 -33.69 5.37 -30.77
N HIS A 93 -32.64 4.59 -31.01
CA HIS A 93 -32.52 3.29 -30.39
C HIS A 93 -31.08 3.01 -30.03
N THR A 94 -30.89 2.19 -28.99
CA THR A 94 -29.59 1.93 -28.39
C THR A 94 -29.27 0.44 -28.42
N VAL A 95 -28.09 0.16 -28.91
CA VAL A 95 -27.44 -1.13 -28.80
C VAL A 95 -26.30 -0.90 -27.81
N GLN A 96 -26.20 -1.76 -26.80
CA GLN A 96 -24.98 -1.81 -25.97
C GLN A 96 -24.36 -3.20 -25.93
N ARG A 97 -23.04 -3.26 -25.82
CA ARG A 97 -22.33 -4.50 -25.77
C ARG A 97 -21.20 -4.39 -24.73
N MET A 98 -20.98 -5.49 -24.03
CA MET A 98 -19.96 -5.49 -23.03
C MET A 98 -19.32 -6.84 -23.09
N TYR A 99 -17.99 -6.86 -23.06
CA TYR A 99 -17.31 -8.14 -22.87
C TYR A 99 -15.99 -7.99 -22.14
N GLY A 100 -15.44 -9.06 -21.60
CA GLY A 100 -14.23 -8.88 -20.86
C GLY A 100 -13.82 -10.10 -20.14
N CYS A 101 -12.68 -10.00 -19.49
CA CYS A 101 -12.15 -11.13 -18.81
C CYS A 101 -11.65 -10.69 -17.47
N ASP A 102 -11.55 -11.69 -16.60
CA ASP A 102 -11.15 -11.54 -15.25
C ASP A 102 -10.03 -12.51 -15.04
N VAL A 103 -8.94 -12.07 -14.41
CA VAL A 103 -7.98 -12.99 -13.80
C VAL A 103 -7.97 -12.76 -12.30
N GLY A 104 -7.48 -13.74 -11.54
CA GLY A 104 -7.46 -13.66 -10.07
C GLY A 104 -6.09 -13.33 -9.51
N SER A 105 -5.98 -13.32 -8.17
CA SER A 105 -4.75 -12.88 -7.49
C SER A 105 -3.45 -13.37 -8.16
N ASP A 106 -3.58 -14.39 -9.02
CA ASP A 106 -2.44 -15.05 -9.69
C ASP A 106 -2.44 -15.06 -11.24
N TRP A 107 -3.14 -14.08 -11.83
CA TRP A 107 -3.12 -13.76 -13.28
C TRP A 107 -3.54 -14.88 -14.24
N ARG A 108 -4.15 -15.93 -13.69
CA ARG A 108 -4.80 -16.94 -14.49
C ARG A 108 -6.27 -16.64 -14.68
N PHE A 109 -6.78 -17.05 -15.84
CA PHE A 109 -8.18 -16.92 -16.21
C PHE A 109 -9.15 -17.29 -15.07
N LEU A 110 -10.08 -16.39 -14.76
CA LEU A 110 -11.16 -16.68 -13.81
C LEU A 110 -12.50 -16.80 -14.55
N ARG A 111 -12.96 -15.70 -15.14
CA ARG A 111 -14.18 -15.76 -15.92
C ARG A 111 -14.19 -14.76 -17.07
N GLY A 112 -15.05 -15.03 -18.05
CA GLY A 112 -15.27 -14.14 -19.17
C GLY A 112 -16.74 -13.87 -19.37
N TYR A 113 -17.05 -12.85 -20.16
CA TYR A 113 -18.44 -12.42 -20.33
C TYR A 113 -18.61 -11.65 -21.61
N HIS A 114 -19.80 -11.80 -22.15
CA HIS A 114 -20.15 -11.09 -23.35
C HIS A 114 -21.64 -10.94 -23.36
N GLN A 115 -22.07 -9.70 -23.32
CA GLN A 115 -23.44 -9.35 -23.16
C GLN A 115 -23.84 -8.24 -24.13
N TYR A 116 -25.07 -8.33 -24.57
CA TYR A 116 -25.61 -7.48 -25.56
C TYR A 116 -27.01 -7.03 -25.14
N ALA A 117 -27.24 -5.74 -25.24
CA ALA A 117 -28.54 -5.19 -24.90
C ALA A 117 -29.05 -4.38 -26.07
N TYR A 118 -30.38 -4.34 -26.14
CA TYR A 118 -31.07 -3.48 -27.06
C TYR A 118 -32.12 -2.72 -26.25
N ASP A 119 -32.16 -1.41 -26.45
CA ASP A 119 -33.11 -0.54 -25.76
C ASP A 119 -33.15 -0.61 -24.24
N GLY A 120 -31.98 -0.83 -23.65
CA GLY A 120 -31.82 -0.74 -22.21
C GLY A 120 -32.19 -2.03 -21.51
N LYS A 121 -32.36 -3.10 -22.28
CA LYS A 121 -32.62 -4.38 -21.64
C LYS A 121 -31.89 -5.51 -22.34
N ASP A 122 -31.67 -6.60 -21.59
CA ASP A 122 -30.96 -7.77 -22.08
C ASP A 122 -31.54 -8.18 -23.41
N TYR A 123 -30.66 -8.51 -24.34
CA TYR A 123 -31.09 -9.12 -25.59
C TYR A 123 -30.46 -10.51 -25.72
N ILE A 124 -29.13 -10.56 -25.77
CA ILE A 124 -28.48 -11.86 -25.84
C ILE A 124 -27.23 -11.84 -24.94
N ALA A 125 -26.94 -12.95 -24.31
CA ALA A 125 -25.85 -12.96 -23.39
C ALA A 125 -25.10 -14.28 -23.49
N LEU A 126 -23.79 -14.20 -23.44
CA LEU A 126 -22.98 -15.40 -23.45
C LEU A 126 -23.07 -15.97 -22.03
N LYS A 127 -23.28 -17.30 -21.93
CA LYS A 127 -23.44 -17.94 -20.60
C LYS A 127 -22.10 -18.06 -19.84
N GLU A 128 -22.15 -18.45 -18.58
CA GLU A 128 -20.94 -18.46 -17.79
C GLU A 128 -19.97 -19.48 -18.37
N ASP A 129 -20.47 -20.68 -18.65
CA ASP A 129 -19.72 -21.76 -19.30
C ASP A 129 -19.06 -21.35 -20.64
N LEU A 130 -19.42 -20.16 -21.11
CA LEU A 130 -18.90 -19.56 -22.34
C LEU A 130 -19.12 -20.40 -23.59
N ARG A 131 -20.19 -21.18 -23.61
CA ARG A 131 -20.45 -22.16 -24.66
C ARG A 131 -21.84 -22.06 -25.31
N SER A 132 -22.70 -21.24 -24.75
CA SER A 132 -24.08 -21.19 -25.16
C SER A 132 -24.78 -19.91 -24.72
N TRP A 133 -26.02 -19.75 -25.16
CA TRP A 133 -26.63 -18.44 -25.13
C TRP A 133 -27.94 -18.44 -24.41
N THR A 134 -28.07 -17.44 -23.55
CA THR A 134 -29.36 -16.95 -23.03
C THR A 134 -29.96 -15.90 -23.96
N ALA A 135 -31.16 -16.16 -24.47
CA ALA A 135 -31.83 -15.25 -25.39
C ALA A 135 -33.05 -14.66 -24.72
N ALA A 136 -33.08 -13.35 -24.63
CA ALA A 136 -34.15 -12.65 -23.95
C ALA A 136 -35.23 -12.16 -24.91
N ASP A 137 -36.07 -13.09 -25.40
CA ASP A 137 -37.13 -12.87 -26.42
C ASP A 137 -36.85 -13.53 -27.76
N MET A 138 -37.91 -13.90 -28.49
CA MET A 138 -37.80 -14.66 -29.73
C MET A 138 -37.00 -13.99 -30.83
N ALA A 139 -36.89 -12.67 -30.81
CA ALA A 139 -35.88 -12.03 -31.65
C ALA A 139 -34.39 -12.43 -31.28
N ALA A 140 -34.03 -12.35 -30.01
CA ALA A 140 -32.72 -12.86 -29.57
C ALA A 140 -32.50 -14.30 -30.07
N GLN A 141 -33.55 -15.12 -29.98
CA GLN A 141 -33.49 -16.49 -30.51
C GLN A 141 -33.11 -16.62 -31.99
N THR A 142 -33.58 -15.68 -32.81
CA THR A 142 -33.17 -15.62 -34.20
C THR A 142 -31.67 -15.42 -34.25
N THR A 143 -31.18 -14.57 -33.35
CA THR A 143 -29.78 -14.29 -33.27
C THR A 143 -29.09 -15.55 -32.76
N LYS A 144 -29.58 -16.07 -31.64
CA LYS A 144 -29.00 -17.23 -31.02
C LYS A 144 -28.70 -18.30 -32.05
N HIS A 145 -29.68 -18.56 -32.92
CA HIS A 145 -29.53 -19.53 -34.00
C HIS A 145 -28.43 -19.14 -34.97
N LYS A 146 -28.42 -17.87 -35.36
CA LYS A 146 -27.42 -17.37 -36.30
C LYS A 146 -25.97 -17.51 -35.70
N TRP A 147 -25.87 -17.21 -34.40
CA TRP A 147 -24.59 -17.19 -33.69
C TRP A 147 -24.03 -18.58 -33.38
N GLU A 148 -24.93 -19.53 -33.13
CA GLU A 148 -24.58 -20.92 -33.02
C GLU A 148 -23.98 -21.39 -34.33
N ALA A 149 -24.68 -21.12 -35.44
CA ALA A 149 -24.29 -21.63 -36.72
C ALA A 149 -22.94 -21.07 -37.11
N ALA A 150 -22.65 -19.84 -36.73
CA ALA A 150 -21.30 -19.32 -36.96
C ALA A 150 -20.31 -19.57 -35.81
N HIS A 151 -20.64 -20.43 -34.86
CA HIS A 151 -19.73 -20.67 -33.72
C HIS A 151 -19.19 -19.41 -33.03
N VAL A 152 -20.03 -18.40 -32.88
CA VAL A 152 -19.66 -17.17 -32.21
C VAL A 152 -19.16 -17.38 -30.78
N ALA A 153 -19.72 -18.35 -30.06
CA ALA A 153 -19.40 -18.60 -28.65
C ALA A 153 -17.98 -19.11 -28.48
N GLU A 154 -17.59 -20.03 -29.33
CA GLU A 154 -16.26 -20.61 -29.35
C GLU A 154 -15.22 -19.58 -29.76
N GLN A 155 -15.63 -18.68 -30.66
CA GLN A 155 -14.78 -17.57 -31.11
C GLN A 155 -14.48 -16.61 -29.97
N LEU A 156 -15.53 -16.12 -29.30
CA LEU A 156 -15.34 -15.18 -28.19
C LEU A 156 -14.68 -15.88 -27.06
N ARG A 157 -15.09 -17.11 -26.83
CA ARG A 157 -14.41 -17.94 -25.85
C ARG A 157 -12.93 -17.86 -26.09
N ALA A 158 -12.45 -18.39 -27.21
CA ALA A 158 -11.02 -18.38 -27.50
C ALA A 158 -10.48 -17.03 -27.17
N TYR A 159 -11.15 -15.97 -27.61
CA TYR A 159 -10.64 -14.64 -27.31
C TYR A 159 -10.52 -14.43 -25.81
N LEU A 160 -11.61 -14.74 -25.11
CA LEU A 160 -11.68 -14.42 -23.71
C LEU A 160 -10.65 -15.22 -22.94
N GLU A 161 -10.40 -16.44 -23.41
CA GLU A 161 -9.51 -17.39 -22.76
C GLU A 161 -8.04 -17.11 -23.12
N GLY A 162 -7.84 -16.57 -24.31
CA GLY A 162 -6.52 -16.36 -24.86
C GLY A 162 -6.11 -14.90 -24.73
N THR A 163 -6.01 -14.25 -25.87
CA THR A 163 -5.55 -12.87 -26.00
C THR A 163 -6.10 -11.91 -24.92
N CYS A 164 -7.35 -12.11 -24.51
CA CYS A 164 -7.94 -11.22 -23.54
C CYS A 164 -7.13 -11.26 -22.24
N VAL A 165 -6.85 -12.47 -21.74
CA VAL A 165 -6.04 -12.61 -20.52
C VAL A 165 -4.59 -12.17 -20.72
N GLU A 166 -4.07 -12.41 -21.93
CA GLU A 166 -2.65 -12.17 -22.15
C GLU A 166 -2.44 -10.67 -22.21
N TRP A 167 -3.37 -9.94 -22.85
CA TRP A 167 -3.28 -8.49 -22.85
C TRP A 167 -3.54 -7.86 -21.48
N LEU A 168 -4.55 -8.36 -20.78
CA LEU A 168 -4.75 -7.92 -19.40
C LEU A 168 -3.41 -7.91 -18.65
N ARG A 169 -2.62 -8.96 -18.81
CA ARG A 169 -1.34 -9.12 -18.10
C ARG A 169 -0.33 -8.04 -18.48
N ARG A 170 -0.05 -7.94 -19.78
CA ARG A 170 0.81 -6.88 -20.32
C ARG A 170 0.43 -5.50 -19.77
N TYR A 171 -0.86 -5.14 -19.80
CA TYR A 171 -1.33 -3.90 -19.17
C TYR A 171 -1.03 -3.85 -17.66
N LEU A 172 -1.19 -4.99 -16.97
CA LEU A 172 -0.98 -5.04 -15.51
C LEU A 172 0.47 -4.78 -15.24
N GLU A 173 1.31 -5.31 -16.12
CA GLU A 173 2.75 -5.17 -15.98
C GLU A 173 3.23 -3.77 -16.41
N ASN A 174 2.67 -3.23 -17.49
CA ASN A 174 3.15 -1.95 -18.02
C ASN A 174 2.51 -0.68 -17.46
N GLY A 175 1.32 -0.81 -16.88
CA GLY A 175 0.75 0.24 -16.07
C GLY A 175 0.90 -0.10 -14.61
N LYS A 176 2.00 -0.75 -14.25
CA LYS A 176 2.23 -1.16 -12.87
C LYS A 176 1.80 -0.10 -11.84
N GLU A 177 2.35 1.12 -11.96
CA GLU A 177 2.16 2.22 -10.97
C GLU A 177 0.69 2.56 -10.69
N THR A 178 -0.13 2.52 -11.73
CA THR A 178 -1.56 2.75 -11.59
C THR A 178 -2.29 1.49 -11.14
N LEU A 179 -2.25 0.47 -12.00
CA LEU A 179 -3.24 -0.59 -11.93
C LEU A 179 -3.14 -1.53 -10.71
N GLN A 180 -1.94 -1.86 -10.24
CA GLN A 180 -1.84 -2.82 -9.12
C GLN A 180 -1.55 -2.13 -7.80
N ARG A 181 -2.12 -0.93 -7.66
CA ARG A 181 -2.06 -0.17 -6.43
C ARG A 181 -3.33 -0.45 -5.64
N THR A 182 -3.17 -0.43 -4.32
CA THR A 182 -4.29 -0.48 -3.39
C THR A 182 -4.27 0.80 -2.56
N ASP A 183 -5.39 1.53 -2.59
CA ASP A 183 -5.55 2.76 -1.84
C ASP A 183 -6.63 2.64 -0.79
N ALA A 184 -6.22 2.61 0.47
CA ALA A 184 -7.17 2.49 1.57
C ALA A 184 -7.89 3.83 1.62
N PRO A 185 -9.13 3.85 2.13
CA PRO A 185 -9.87 5.12 2.31
C PRO A 185 -9.17 6.07 3.29
N LYS A 186 -9.06 7.34 2.89
CA LYS A 186 -8.74 8.40 3.83
C LYS A 186 -10.08 8.83 4.46
N THR A 187 -10.21 8.64 5.78
CA THR A 187 -11.47 8.79 6.45
C THR A 187 -11.58 10.05 7.31
N HIS A 188 -12.81 10.58 7.42
CA HIS A 188 -13.16 11.62 8.37
C HIS A 188 -14.66 11.60 8.69
N MET A 189 -15.02 12.41 9.67
CA MET A 189 -16.34 12.37 10.26
C MET A 189 -16.74 13.84 10.41
N THR A 190 -17.99 14.18 10.07
CA THR A 190 -18.43 15.56 10.24
C THR A 190 -19.69 15.49 11.05
N HIS A 191 -19.96 16.59 11.74
CA HIS A 191 -21.07 16.68 12.67
C HIS A 191 -21.73 18.03 12.47
N HIS A 192 -23.04 18.05 12.30
CA HIS A 192 -23.72 19.34 12.21
C HIS A 192 -25.04 19.31 12.98
N ALA A 193 -25.12 20.11 14.04
CA ALA A 193 -26.35 20.28 14.82
C ALA A 193 -27.48 20.68 13.92
N VAL A 194 -28.43 19.78 13.70
CA VAL A 194 -29.51 20.13 12.77
C VAL A 194 -30.84 20.28 13.44
N SER A 195 -30.88 21.21 14.40
CA SER A 195 -31.97 21.42 15.35
C SER A 195 -31.45 21.36 16.79
N ASP A 196 -32.35 21.64 17.73
CA ASP A 196 -32.10 21.45 19.15
C ASP A 196 -31.97 19.97 19.43
N HIS A 197 -32.91 19.20 18.89
CA HIS A 197 -32.99 17.79 19.20
C HIS A 197 -31.80 17.02 18.64
N GLU A 198 -31.65 16.99 17.32
CA GLU A 198 -30.79 16.04 16.61
C GLU A 198 -29.53 16.66 15.91
N ALA A 199 -28.60 15.80 15.48
CA ALA A 199 -27.41 16.26 14.73
C ALA A 199 -27.22 15.31 13.60
N THR A 200 -26.46 15.73 12.58
CA THR A 200 -26.08 14.83 11.50
C THR A 200 -24.64 14.39 11.68
N LEU A 201 -24.41 13.09 11.58
CA LEU A 201 -23.05 12.59 11.50
C LEU A 201 -22.85 12.01 10.13
N ARG A 202 -21.76 12.41 9.53
CA ARG A 202 -21.43 12.00 8.20
C ARG A 202 -20.00 11.45 8.14
N CYS A 203 -19.91 10.21 7.70
CA CYS A 203 -18.69 9.46 7.64
C CYS A 203 -18.28 9.46 6.17
N TRP A 204 -17.04 9.83 5.90
CA TRP A 204 -16.50 9.99 4.58
C TRP A 204 -15.37 9.05 4.29
N ALA A 205 -15.39 8.42 3.13
CA ALA A 205 -14.21 7.75 2.61
C ALA A 205 -13.80 8.41 1.34
N LEU A 206 -12.53 8.82 1.31
CA LEU A 206 -11.98 9.68 0.24
C LEU A 206 -10.70 9.07 -0.32
N SER A 207 -10.47 9.31 -1.60
CA SER A 207 -9.29 8.86 -2.29
C SER A 207 -8.99 7.37 -2.16
N PHE A 208 -10.03 6.53 -2.17
CA PHE A 208 -9.77 5.10 -2.18
C PHE A 208 -9.75 4.46 -3.60
N TYR A 209 -9.16 3.26 -3.69
CA TYR A 209 -9.07 2.48 -4.93
C TYR A 209 -8.71 1.05 -4.53
N PRO A 210 -9.41 0.02 -5.10
CA PRO A 210 -10.49 0.08 -6.13
C PRO A 210 -11.77 0.65 -5.57
N ALA A 211 -12.83 0.68 -6.36
CA ALA A 211 -14.03 1.37 -5.97
C ALA A 211 -14.84 0.59 -4.91
N GLU A 212 -14.81 -0.73 -4.98
CA GLU A 212 -15.52 -1.53 -4.00
C GLU A 212 -15.25 -1.04 -2.54
N ILE A 213 -16.30 -0.94 -1.73
CA ILE A 213 -16.22 -0.49 -0.33
C ILE A 213 -17.55 -0.67 0.43
N THR A 214 -17.50 -0.76 1.75
CA THR A 214 -18.74 -0.74 2.52
C THR A 214 -18.72 0.25 3.67
N LEU A 215 -19.55 1.30 3.60
CA LEU A 215 -19.79 2.19 4.74
C LEU A 215 -21.16 1.90 5.35
N THR A 216 -21.19 1.57 6.65
CA THR A 216 -22.43 1.22 7.36
C THR A 216 -22.39 1.81 8.77
N TRP A 217 -23.45 2.49 9.17
CA TRP A 217 -23.56 2.97 10.53
C TRP A 217 -24.18 1.88 11.39
N GLN A 218 -23.80 1.86 12.68
CA GLN A 218 -24.43 1.05 13.71
C GLN A 218 -24.76 1.91 14.94
N ARG A 219 -25.81 1.56 15.66
CA ARG A 219 -26.09 2.23 16.91
C ARG A 219 -25.99 1.20 18.00
N ASP A 220 -25.12 1.46 18.98
CA ASP A 220 -24.85 0.46 20.03
C ASP A 220 -24.35 -0.75 19.27
N GLY A 221 -25.05 -1.86 19.39
CA GLY A 221 -24.71 -3.03 18.57
C GLY A 221 -25.29 -3.14 17.16
N GLU A 222 -26.55 -3.59 17.08
CA GLU A 222 -27.26 -3.78 15.80
C GLU A 222 -27.14 -2.51 14.95
N ASP A 223 -27.26 -2.65 13.62
CA ASP A 223 -26.92 -1.53 12.75
C ASP A 223 -28.12 -0.83 12.07
N GLN A 224 -27.84 0.30 11.42
CA GLN A 224 -28.85 1.30 11.13
C GLN A 224 -29.33 1.32 9.68
N THR A 225 -28.83 0.36 8.91
CA THR A 225 -29.32 0.04 7.56
C THR A 225 -30.83 0.24 7.39
N GLN A 226 -31.21 1.48 7.07
CA GLN A 226 -32.62 1.90 6.99
C GLN A 226 -32.76 3.40 7.29
N ASP A 227 -32.08 3.84 8.34
CA ASP A 227 -32.21 5.22 8.83
C ASP A 227 -31.02 6.04 8.31
N THR A 228 -30.24 5.40 7.45
CA THR A 228 -29.04 6.00 6.87
C THR A 228 -29.26 6.60 5.47
N GLU A 229 -28.71 7.80 5.25
CA GLU A 229 -28.56 8.35 3.93
C GLU A 229 -27.13 8.05 3.45
N LEU A 230 -27.10 7.31 2.36
CA LEU A 230 -25.89 6.86 1.75
C LEU A 230 -25.89 7.25 0.27
N VAL A 231 -24.80 7.81 -0.22
CA VAL A 231 -24.74 8.07 -1.65
C VAL A 231 -24.00 6.93 -2.32
N GLU A 232 -24.15 6.81 -3.63
CA GLU A 232 -23.45 5.75 -4.27
C GLU A 232 -22.01 6.20 -4.55
N THR A 233 -21.10 5.23 -4.58
CA THR A 233 -19.71 5.52 -4.72
C THR A 233 -19.56 6.26 -6.02
N ARG A 234 -18.58 7.17 -6.03
CA ARG A 234 -18.48 8.14 -7.08
C ARG A 234 -17.01 8.43 -7.40
N PRO A 235 -16.67 8.64 -8.71
CA PRO A 235 -15.34 9.04 -9.14
C PRO A 235 -14.94 10.40 -8.59
N ALA A 236 -13.72 10.49 -8.08
CA ALA A 236 -13.14 11.79 -7.75
C ALA A 236 -12.73 12.59 -9.00
N GLY A 237 -12.41 11.91 -10.11
CA GLY A 237 -11.87 12.60 -11.33
C GLY A 237 -10.35 12.61 -11.42
N ASP A 238 -9.70 11.89 -10.51
CA ASP A 238 -8.24 11.79 -10.47
C ASP A 238 -7.88 10.33 -10.29
N GLY A 239 -8.83 9.46 -10.62
CA GLY A 239 -8.57 8.05 -10.63
C GLY A 239 -8.91 7.36 -9.32
N THR A 240 -9.44 8.13 -8.37
CA THR A 240 -9.85 7.54 -7.08
C THR A 240 -11.36 7.72 -6.87
N PHE A 241 -11.85 7.22 -5.75
CA PHE A 241 -13.27 7.26 -5.45
C PHE A 241 -13.63 7.87 -4.09
N GLN A 242 -14.86 8.38 -4.01
CA GLN A 242 -15.44 8.92 -2.80
C GLN A 242 -16.75 8.26 -2.49
N LYS A 243 -16.98 8.07 -1.19
CA LYS A 243 -18.32 7.70 -0.72
C LYS A 243 -18.60 8.29 0.64
N TRP A 244 -19.88 8.46 0.97
CA TRP A 244 -20.26 8.80 2.34
C TRP A 244 -21.59 8.21 2.76
N ALA A 245 -21.72 8.07 4.07
CA ALA A 245 -22.90 7.53 4.72
C ALA A 245 -23.22 8.46 5.88
N ALA A 246 -24.47 8.86 5.99
CA ALA A 246 -24.89 9.75 7.08
C ALA A 246 -26.06 9.19 7.84
N VAL A 247 -26.24 9.74 9.03
CA VAL A 247 -27.20 9.25 9.95
C VAL A 247 -27.57 10.46 10.76
N VAL A 248 -28.85 10.56 11.14
CA VAL A 248 -29.28 11.68 11.99
C VAL A 248 -29.51 11.14 13.38
N VAL A 249 -29.02 11.86 14.39
CA VAL A 249 -28.99 11.35 15.75
C VAL A 249 -29.38 12.40 16.78
N PRO A 250 -29.87 11.97 17.97
CA PRO A 250 -30.18 12.87 19.09
C PRO A 250 -28.96 13.50 19.68
N SER A 251 -28.94 14.82 19.73
CA SER A 251 -27.83 15.57 20.27
C SER A 251 -27.44 15.08 21.65
N GLY A 252 -26.15 14.76 21.81
CA GLY A 252 -25.62 14.15 23.02
C GLY A 252 -25.64 12.63 22.98
N GLN A 253 -26.13 12.02 21.91
CA GLN A 253 -26.03 10.58 21.78
C GLN A 253 -25.09 10.14 20.68
N GLU A 254 -24.23 11.06 20.21
CA GLU A 254 -23.45 10.69 19.04
C GLU A 254 -22.36 9.67 19.27
N GLN A 255 -21.88 9.59 20.50
CA GLN A 255 -20.90 8.58 20.92
C GLN A 255 -21.46 7.15 20.85
N ARG A 256 -22.76 7.02 20.67
CA ARG A 256 -23.38 5.71 20.59
C ARG A 256 -23.37 5.15 19.16
N TYR A 257 -22.94 5.94 18.20
CA TYR A 257 -23.02 5.57 16.81
C TYR A 257 -21.61 5.36 16.28
N THR A 258 -21.46 4.42 15.35
CA THR A 258 -20.18 4.01 14.86
C THR A 258 -20.26 3.71 13.35
N CYS A 259 -19.24 4.11 12.63
CA CYS A 259 -19.17 3.91 11.21
C CYS A 259 -18.17 2.82 10.88
N HIS A 260 -18.62 1.88 10.06
CA HIS A 260 -17.78 0.80 9.64
C HIS A 260 -17.33 0.90 8.20
N VAL A 261 -16.02 0.95 8.06
CA VAL A 261 -15.40 1.04 6.77
C VAL A 261 -14.61 -0.21 6.38
N GLN A 262 -15.10 -0.93 5.36
CA GLN A 262 -14.40 -2.11 4.82
C GLN A 262 -13.90 -1.80 3.44
N HIS A 263 -12.66 -2.17 3.17
CA HIS A 263 -12.02 -1.95 1.87
C HIS A 263 -10.79 -2.83 1.77
N GLU A 264 -10.64 -3.53 0.66
CA GLU A 264 -9.44 -4.33 0.41
C GLU A 264 -8.17 -3.64 0.93
N GLY A 265 -8.14 -2.30 0.95
CA GLY A 265 -6.92 -1.54 1.20
C GLY A 265 -6.61 -1.34 2.66
N LEU A 266 -7.57 -1.65 3.51
CA LEU A 266 -7.37 -1.68 4.97
C LEU A 266 -7.20 -3.12 5.47
N PRO A 267 -6.07 -3.37 6.16
CA PRO A 267 -5.82 -4.72 6.66
C PRO A 267 -6.90 -5.12 7.65
N LYS A 268 -7.31 -4.15 8.47
CA LYS A 268 -8.42 -4.28 9.43
C LYS A 268 -9.55 -3.29 9.11
N PRO A 269 -10.81 -3.76 9.16
CA PRO A 269 -11.96 -2.86 8.97
C PRO A 269 -12.01 -1.71 10.00
N LEU A 270 -11.80 -0.47 9.55
CA LEU A 270 -11.77 0.69 10.44
C LEU A 270 -13.13 0.86 11.05
N THR A 271 -13.17 1.38 12.28
CA THR A 271 -14.43 1.80 12.86
C THR A 271 -14.24 3.20 13.38
N LEU A 272 -15.22 4.06 13.15
CA LEU A 272 -15.03 5.45 13.49
C LEU A 272 -16.16 5.92 14.36
N ARG A 273 -15.82 6.83 15.26
CA ARG A 273 -16.73 7.44 16.17
C ARG A 273 -16.44 8.94 16.10
N TRP A 274 -17.45 9.78 16.33
CA TRP A 274 -17.25 11.20 16.35
C TRP A 274 -16.45 11.45 17.59
N GLU A 275 -15.19 11.83 17.38
CA GLU A 275 -14.28 12.05 18.48
C GLU A 275 -13.64 13.41 18.22
N PRO A 276 -14.38 14.48 18.55
CA PRO A 276 -13.95 15.85 18.37
C PRO A 276 -13.03 16.33 19.52
N MET B 1 -38.78 -0.20 -24.52
CA MET B 1 -37.91 1.00 -24.48
C MET B 1 -37.78 1.48 -23.04
N ILE B 2 -36.77 1.00 -22.33
CA ILE B 2 -36.57 1.39 -20.95
C ILE B 2 -36.11 2.85 -20.89
N GLN B 3 -36.69 3.61 -19.98
CA GLN B 3 -36.08 4.86 -19.59
C GLN B 3 -35.83 4.92 -18.08
N ARG B 4 -34.82 5.70 -17.68
CA ARG B 4 -34.46 5.89 -16.28
C ARG B 4 -33.94 7.30 -16.14
N THR B 5 -34.47 8.07 -15.18
CA THR B 5 -33.99 9.43 -14.90
C THR B 5 -32.63 9.33 -14.30
N PRO B 6 -31.75 10.30 -14.58
CA PRO B 6 -30.44 10.32 -13.98
C PRO B 6 -30.50 10.56 -12.49
N LYS B 7 -29.68 9.83 -11.73
CA LYS B 7 -29.29 10.21 -10.39
C LYS B 7 -28.17 11.22 -10.56
N ILE B 8 -28.06 12.15 -9.62
CA ILE B 8 -27.14 13.26 -9.84
C ILE B 8 -26.40 13.60 -8.58
N GLN B 9 -25.08 13.67 -8.64
CA GLN B 9 -24.27 14.07 -7.51
C GLN B 9 -23.41 15.20 -7.93
N VAL B 10 -23.35 16.20 -7.08
CA VAL B 10 -22.51 17.32 -7.32
C VAL B 10 -21.65 17.43 -6.09
N TYR B 11 -20.33 17.40 -6.26
CA TYR B 11 -19.37 17.41 -5.14
C TYR B 11 -18.05 17.93 -5.68
N SER B 12 -17.09 18.17 -4.82
CA SER B 12 -15.78 18.55 -5.28
C SER B 12 -14.75 17.40 -5.25
N ARG B 13 -13.80 17.43 -6.19
CA ARG B 13 -12.68 16.50 -6.23
C ARG B 13 -11.91 16.41 -4.90
N HIS B 14 -11.49 17.55 -4.38
CA HIS B 14 -10.73 17.57 -3.13
C HIS B 14 -11.61 18.26 -2.11
N PRO B 15 -11.38 18.03 -0.80
CA PRO B 15 -12.24 18.71 0.18
C PRO B 15 -12.13 20.23 -0.01
N ALA B 16 -13.26 20.92 0.04
CA ALA B 16 -13.29 22.34 -0.26
C ALA B 16 -12.71 23.19 0.86
N GLU B 17 -11.63 23.92 0.57
CA GLU B 17 -11.20 25.01 1.42
C GLU B 17 -11.31 26.22 0.52
N ASN B 18 -12.08 27.20 0.95
CA ASN B 18 -12.43 28.20 -0.03
C ASN B 18 -11.33 29.24 -0.33
N GLY B 19 -11.23 29.59 -1.61
CA GLY B 19 -10.15 30.40 -2.11
C GLY B 19 -9.01 29.56 -2.66
N LYS B 20 -9.17 28.22 -2.60
CA LYS B 20 -8.21 27.30 -3.17
C LYS B 20 -8.82 26.59 -4.39
N SER B 21 -7.96 26.38 -5.37
CA SER B 21 -8.36 25.79 -6.62
C SER B 21 -8.83 24.32 -6.44
N ASN B 22 -9.96 23.93 -7.05
CA ASN B 22 -10.57 22.60 -6.85
C ASN B 22 -11.32 22.21 -8.13
N PHE B 23 -11.98 21.05 -8.12
CA PHE B 23 -12.70 20.59 -9.27
C PHE B 23 -14.12 20.32 -8.86
N LEU B 24 -15.02 20.94 -9.58
CA LEU B 24 -16.39 20.77 -9.33
C LEU B 24 -16.83 19.66 -10.23
N ASN B 25 -17.44 18.62 -9.64
CA ASN B 25 -17.84 17.43 -10.34
C ASN B 25 -19.33 17.29 -10.39
N CYS B 26 -19.83 16.80 -11.51
CA CYS B 26 -21.22 16.40 -11.58
C CYS B 26 -21.39 14.96 -12.09
N TYR B 27 -21.78 14.04 -11.22
CA TYR B 27 -21.86 12.65 -11.62
C TYR B 27 -23.30 12.31 -11.92
N VAL B 28 -23.62 11.99 -13.16
CA VAL B 28 -24.97 11.61 -13.49
C VAL B 28 -25.01 10.12 -13.83
N SER B 29 -25.87 9.37 -13.16
CA SER B 29 -25.83 7.94 -13.40
C SER B 29 -27.17 7.23 -13.30
N GLY B 30 -27.17 5.97 -13.67
CA GLY B 30 -28.37 5.17 -13.67
C GLY B 30 -29.36 5.62 -14.73
N PHE B 31 -28.91 6.36 -15.74
CA PHE B 31 -29.85 6.86 -16.73
C PHE B 31 -29.90 6.00 -18.03
N HIS B 32 -30.97 6.17 -18.76
CA HIS B 32 -31.22 5.52 -20.04
C HIS B 32 -32.43 6.25 -20.66
N PRO B 33 -32.32 6.72 -21.92
CA PRO B 33 -31.13 6.53 -22.79
C PRO B 33 -29.98 7.53 -22.61
N SER B 34 -28.98 7.37 -23.46
CA SER B 34 -27.70 8.05 -23.47
C SER B 34 -27.74 9.56 -23.61
N ASP B 35 -28.62 10.11 -24.47
CA ASP B 35 -28.63 11.57 -24.67
C ASP B 35 -28.80 12.33 -23.34
N ILE B 36 -27.80 13.13 -22.98
CA ILE B 36 -27.94 13.87 -21.73
C ILE B 36 -27.27 15.21 -21.74
N GLU B 37 -27.78 16.13 -20.96
CA GLU B 37 -27.34 17.49 -21.02
C GLU B 37 -26.99 17.93 -19.64
N VAL B 38 -25.78 18.44 -19.47
CA VAL B 38 -25.29 18.76 -18.13
C VAL B 38 -24.56 20.06 -18.21
N ASP B 39 -24.95 21.01 -17.38
CA ASP B 39 -24.34 22.32 -17.30
C ASP B 39 -23.85 22.46 -15.88
N LEU B 40 -22.59 22.86 -15.75
CA LEU B 40 -22.07 23.23 -14.45
C LEU B 40 -22.30 24.72 -14.27
N LEU B 41 -22.89 25.10 -13.13
CA LEU B 41 -23.27 26.51 -12.92
C LEU B 41 -22.49 27.24 -11.83
N LYS B 42 -22.31 28.55 -12.03
CA LYS B 42 -21.79 29.42 -11.00
C LYS B 42 -22.75 30.58 -10.91
N ASN B 43 -23.47 30.65 -9.79
CA ASN B 43 -24.52 31.63 -9.53
C ASN B 43 -25.59 31.59 -10.60
N GLY B 44 -25.97 30.38 -10.96
CA GLY B 44 -27.04 30.16 -11.93
C GLY B 44 -26.65 30.46 -13.37
N GLU B 45 -25.36 30.70 -13.62
CA GLU B 45 -24.85 30.88 -14.98
C GLU B 45 -23.75 29.84 -15.37
N ARG B 46 -23.74 29.40 -16.63
CA ARG B 46 -22.83 28.34 -17.12
C ARG B 46 -21.34 28.60 -16.93
N ILE B 47 -20.61 27.67 -16.29
CA ILE B 47 -19.13 27.79 -16.17
C ILE B 47 -18.55 27.49 -17.54
N GLU B 48 -17.52 28.26 -17.92
CA GLU B 48 -17.07 28.27 -19.29
C GLU B 48 -16.55 26.91 -19.79
N LYS B 49 -15.46 26.41 -19.21
CA LYS B 49 -14.77 25.24 -19.79
C LYS B 49 -15.07 23.91 -19.10
N VAL B 50 -16.13 23.21 -19.50
CA VAL B 50 -16.49 21.95 -18.84
C VAL B 50 -16.04 20.74 -19.63
N GLU B 51 -15.55 19.74 -18.92
CA GLU B 51 -15.07 18.55 -19.58
C GLU B 51 -15.78 17.37 -18.98
N HIS B 52 -15.85 16.27 -19.74
CA HIS B 52 -16.55 15.08 -19.28
C HIS B 52 -15.86 13.79 -19.67
N SER B 53 -16.10 12.74 -18.88
CA SER B 53 -15.59 11.41 -19.20
C SER B 53 -16.35 10.75 -20.35
N ASP B 54 -15.87 9.57 -20.74
CA ASP B 54 -16.38 8.88 -21.89
C ASP B 54 -17.57 8.11 -21.46
N LEU B 55 -18.65 8.24 -22.20
CA LEU B 55 -19.89 7.56 -21.87
C LEU B 55 -19.60 6.10 -21.55
N SER B 56 -20.06 5.62 -20.40
CA SER B 56 -19.95 4.19 -20.14
C SER B 56 -21.19 3.73 -19.47
N PHE B 57 -21.24 2.47 -19.03
CA PHE B 57 -22.47 1.98 -18.45
C PHE B 57 -22.25 0.83 -17.47
N SER B 58 -23.27 0.55 -16.69
CA SER B 58 -23.17 -0.39 -15.61
C SER B 58 -23.80 -1.70 -16.03
N LYS B 59 -23.81 -2.66 -15.11
CA LYS B 59 -24.18 -4.03 -15.42
C LYS B 59 -25.64 -4.05 -15.71
N ASP B 60 -26.36 -3.10 -15.12
CA ASP B 60 -27.80 -2.99 -15.35
C ASP B 60 -28.09 -2.27 -16.67
N TRP B 61 -27.06 -2.03 -17.45
CA TRP B 61 -27.14 -1.28 -18.71
C TRP B 61 -27.38 0.22 -18.57
N SER B 62 -27.65 0.71 -17.37
CA SER B 62 -27.83 2.15 -17.18
C SER B 62 -26.50 2.89 -17.34
N PHE B 63 -26.55 4.11 -17.86
CA PHE B 63 -25.36 4.89 -18.21
C PHE B 63 -24.84 5.78 -17.06
N TYR B 64 -23.57 6.16 -17.16
CA TYR B 64 -22.97 7.11 -16.25
C TYR B 64 -21.90 8.00 -16.93
N LEU B 65 -21.85 9.27 -16.51
CA LEU B 65 -20.83 10.25 -16.98
C LEU B 65 -20.41 11.09 -15.81
N LEU B 66 -19.26 11.72 -15.91
CA LEU B 66 -18.83 12.61 -14.86
C LEU B 66 -18.46 13.88 -15.54
N TYR B 67 -19.05 15.03 -15.16
CA TYR B 67 -18.63 16.34 -15.71
C TYR B 67 -17.83 17.08 -14.70
N TYR B 68 -16.81 17.77 -15.16
CA TYR B 68 -15.98 18.52 -14.25
C TYR B 68 -15.35 19.68 -14.92
N THR B 69 -15.09 20.66 -14.10
CA THR B 69 -14.41 21.82 -14.50
C THR B 69 -13.67 22.26 -13.24
N GLU B 70 -12.74 23.18 -13.44
CA GLU B 70 -11.97 23.70 -12.35
C GLU B 70 -12.76 24.87 -11.79
N PHE B 71 -12.66 25.10 -10.49
CA PHE B 71 -13.37 26.18 -9.86
C PHE B 71 -12.68 26.45 -8.55
N THR B 72 -12.95 27.61 -7.97
CA THR B 72 -12.48 27.90 -6.65
C THR B 72 -13.65 28.29 -5.72
N PRO B 73 -13.97 27.41 -4.76
CA PRO B 73 -15.10 27.63 -3.88
C PRO B 73 -14.87 28.87 -3.05
N THR B 74 -15.94 29.62 -2.80
CA THR B 74 -15.91 30.75 -1.86
C THR B 74 -17.08 30.57 -0.90
N GLU B 75 -17.25 31.57 -0.03
CA GLU B 75 -18.42 31.75 0.84
C GLU B 75 -19.64 32.21 0.08
N LYS B 76 -19.44 33.18 -0.79
N LYS B 76 -19.45 33.18 -0.79
CA LYS B 76 -20.51 33.88 -1.49
CA LYS B 76 -20.56 33.86 -1.45
C LYS B 76 -21.04 33.10 -2.69
C LYS B 76 -20.97 33.25 -2.79
N ASP B 77 -20.17 32.32 -3.31
CA ASP B 77 -20.43 31.75 -4.62
C ASP B 77 -21.27 30.49 -4.56
N GLU B 78 -22.31 30.47 -5.36
CA GLU B 78 -23.19 29.34 -5.48
C GLU B 78 -22.86 28.56 -6.72
N TYR B 79 -22.40 27.32 -6.53
CA TYR B 79 -22.27 26.34 -7.62
C TYR B 79 -23.41 25.34 -7.62
N ALA B 80 -23.62 24.69 -8.76
CA ALA B 80 -24.72 23.80 -8.99
C ALA B 80 -24.49 23.04 -10.28
N CYS B 81 -25.17 21.91 -10.39
CA CYS B 81 -25.20 21.13 -11.61
C CYS B 81 -26.65 21.12 -12.12
N ARG B 82 -26.89 21.45 -13.40
CA ARG B 82 -28.24 21.42 -13.98
C ARG B 82 -28.34 20.33 -15.04
N VAL B 83 -29.30 19.43 -14.91
CA VAL B 83 -29.37 18.24 -15.78
C VAL B 83 -30.68 18.13 -16.56
N ASN B 84 -30.59 17.75 -17.82
CA ASN B 84 -31.76 17.42 -18.61
C ASN B 84 -31.65 16.11 -19.38
N HIS B 85 -32.78 15.45 -19.56
CA HIS B 85 -32.84 14.12 -20.10
C HIS B 85 -34.32 13.89 -20.53
N VAL B 86 -34.61 13.05 -21.53
CA VAL B 86 -36.03 12.88 -21.94
C VAL B 86 -36.98 12.55 -20.77
N THR B 87 -36.42 11.95 -19.70
CA THR B 87 -37.18 11.47 -18.53
C THR B 87 -37.68 12.61 -17.65
N LEU B 88 -37.06 13.78 -17.81
CA LEU B 88 -37.36 14.95 -16.99
C LEU B 88 -38.23 15.97 -17.71
N SER B 89 -39.13 16.62 -16.96
CA SER B 89 -40.01 17.62 -17.54
C SER B 89 -39.30 18.94 -17.69
N GLN B 90 -38.59 19.31 -16.64
CA GLN B 90 -37.77 20.50 -16.69
C GLN B 90 -36.43 20.10 -16.11
N PRO B 91 -35.39 20.88 -16.41
CA PRO B 91 -34.10 20.52 -15.84
C PRO B 91 -34.16 20.33 -14.33
N LYS B 92 -33.23 19.53 -13.83
CA LYS B 92 -33.09 19.31 -12.41
C LYS B 92 -31.85 20.07 -12.00
N ILE B 93 -32.00 20.98 -11.03
CA ILE B 93 -30.82 21.65 -10.51
C ILE B 93 -30.40 20.96 -9.22
N VAL B 94 -29.12 20.68 -9.09
CA VAL B 94 -28.66 20.21 -7.81
C VAL B 94 -27.55 21.14 -7.38
N LYS B 95 -27.82 21.92 -6.33
CA LYS B 95 -26.84 22.83 -5.75
C LYS B 95 -25.68 22.09 -5.12
N TRP B 96 -24.50 22.71 -5.08
CA TRP B 96 -23.35 22.08 -4.47
C TRP B 96 -23.25 22.43 -2.97
N ASP B 97 -23.09 21.41 -2.15
CA ASP B 97 -22.87 21.54 -0.72
C ASP B 97 -21.52 21.00 -0.47
N ARG B 98 -20.67 21.78 0.19
CA ARG B 98 -19.29 21.38 0.39
C ARG B 98 -19.14 20.12 1.25
N ASP B 99 -20.14 19.79 2.07
CA ASP B 99 -20.12 18.56 2.87
C ASP B 99 -21.11 17.52 2.33
N MET B 100 -21.36 17.56 1.02
CA MET B 100 -22.05 16.44 0.37
C MET B 100 -21.35 15.89 -0.87
N PHE C 1 -7.62 -4.92 -25.02
CA PHE C 1 -7.28 -5.37 -26.40
C PHE C 1 -8.53 -5.96 -27.04
N LEU C 2 -9.07 -5.23 -28.02
CA LEU C 2 -10.39 -5.58 -28.56
C LEU C 2 -10.27 -6.89 -29.24
N THR C 3 -11.30 -7.70 -29.11
CA THR C 3 -11.30 -8.94 -29.81
C THR C 3 -11.40 -8.70 -31.30
N GLY C 4 -10.67 -9.51 -32.06
CA GLY C 4 -10.69 -9.44 -33.52
C GLY C 4 -11.64 -10.46 -34.13
N ILE C 5 -12.20 -11.32 -33.29
CA ILE C 5 -13.14 -12.32 -33.76
C ILE C 5 -14.28 -12.35 -32.78
N GLY C 6 -15.42 -12.90 -33.19
CA GLY C 6 -16.56 -13.05 -32.33
C GLY C 6 -17.59 -11.95 -32.42
N ILE C 7 -17.33 -10.92 -33.23
CA ILE C 7 -18.31 -9.86 -33.39
C ILE C 7 -18.94 -9.88 -34.77
N ILE C 8 -20.15 -10.42 -34.87
CA ILE C 8 -20.94 -10.34 -36.09
C ILE C 8 -22.36 -9.92 -35.81
N THR C 9 -23.05 -9.55 -36.89
CA THR C 9 -24.35 -8.94 -36.78
C THR C 9 -25.33 -9.87 -36.09
N VAL C 10 -26.25 -9.32 -35.34
CA VAL C 10 -27.37 -10.07 -34.78
C VAL C 10 -28.32 -10.68 -35.84
N GLY D 1 12.53 -7.80 -4.39
CA GLY D 1 13.61 -8.58 -5.06
C GLY D 1 14.49 -9.39 -4.11
N SER D 2 15.66 -8.82 -3.77
CA SER D 2 16.69 -9.47 -2.97
C SER D 2 16.22 -9.79 -1.57
N HIS D 3 16.71 -10.90 -1.03
CA HIS D 3 16.37 -11.33 0.30
C HIS D 3 17.55 -11.93 1.02
N SER D 4 17.55 -11.79 2.33
CA SER D 4 18.63 -12.31 3.12
C SER D 4 18.21 -12.99 4.43
N MET D 5 19.13 -13.81 4.94
CA MET D 5 18.99 -14.52 6.18
C MET D 5 20.29 -14.37 6.95
N ARG D 6 20.20 -13.79 8.15
CA ARG D 6 21.36 -13.49 8.98
C ARG D 6 21.18 -13.97 10.42
N TYR D 7 22.26 -14.44 11.02
CA TYR D 7 22.23 -14.73 12.40
C TYR D 7 23.20 -13.86 13.11
N PHE D 8 22.82 -13.43 14.31
CA PHE D 8 23.70 -12.61 15.14
C PHE D 8 23.90 -13.28 16.50
N PHE D 9 25.17 -13.46 16.88
CA PHE D 9 25.53 -14.02 18.16
C PHE D 9 26.43 -13.06 18.91
N THR D 10 26.10 -12.78 20.16
CA THR D 10 26.90 -11.93 21.02
C THR D 10 27.25 -12.75 22.23
N SER D 11 28.51 -12.73 22.67
CA SER D 11 28.86 -13.35 23.94
C SER D 11 29.68 -12.41 24.76
N VAL D 12 29.35 -12.40 26.04
CA VAL D 12 29.87 -11.45 26.99
C VAL D 12 30.36 -12.15 28.24
N SER D 13 31.67 -12.07 28.48
CA SER D 13 32.27 -12.61 29.68
C SER D 13 31.83 -11.76 30.86
N ARG D 14 31.82 -12.34 32.06
CA ARG D 14 31.34 -11.64 33.26
C ARG D 14 32.43 -11.53 34.30
N PRO D 15 32.26 -10.59 35.26
CA PRO D 15 33.20 -10.32 36.34
C PRO D 15 34.15 -11.46 36.60
N GLY D 16 33.82 -12.30 37.56
CA GLY D 16 34.73 -13.36 37.99
C GLY D 16 34.16 -14.63 37.44
N ARG D 17 34.82 -15.74 37.78
CA ARG D 17 34.48 -17.12 37.41
C ARG D 17 33.14 -17.47 36.75
N GLY D 18 32.29 -16.47 36.54
CA GLY D 18 30.91 -16.65 36.09
C GLY D 18 30.77 -16.83 34.60
N GLU D 19 29.77 -17.61 34.22
CA GLU D 19 29.60 -18.08 32.85
C GLU D 19 29.14 -16.97 31.94
N PRO D 20 29.56 -17.00 30.68
CA PRO D 20 29.21 -15.89 29.82
C PRO D 20 27.80 -15.96 29.33
N ARG D 21 27.25 -14.80 28.99
CA ARG D 21 25.93 -14.71 28.43
C ARG D 21 26.00 -14.96 26.91
N PHE D 22 25.03 -15.70 26.38
CA PHE D 22 24.95 -15.96 24.94
C PHE D 22 23.61 -15.52 24.38
N ILE D 23 23.65 -14.61 23.40
CA ILE D 23 22.47 -14.22 22.65
C ILE D 23 22.70 -14.49 21.18
N ALA D 24 21.79 -15.27 20.63
CA ALA D 24 21.67 -15.51 19.22
C ALA D 24 20.29 -15.05 18.79
N VAL D 25 20.23 -14.43 17.63
CA VAL D 25 19.00 -13.98 17.01
C VAL D 25 19.13 -14.27 15.53
N GLY D 26 18.00 -14.50 14.87
CA GLY D 26 18.01 -14.72 13.43
C GLY D 26 17.00 -13.89 12.69
N TYR D 27 17.37 -13.46 11.50
CA TYR D 27 16.51 -12.57 10.76
C TYR D 27 16.34 -13.12 9.38
N VAL D 28 15.16 -12.89 8.86
CA VAL D 28 15.00 -12.90 7.44
C VAL D 28 14.64 -11.47 7.04
N ASP D 29 15.54 -10.88 6.23
CA ASP D 29 15.43 -9.50 5.83
C ASP D 29 15.44 -8.68 7.10
N ASP D 30 14.49 -7.76 7.25
CA ASP D 30 14.38 -6.96 8.48
C ASP D 30 13.37 -7.59 9.47
N THR D 31 13.01 -8.86 9.27
CA THR D 31 12.12 -9.56 10.21
C THR D 31 12.84 -10.59 11.08
N GLN D 32 12.90 -10.35 12.40
CA GLN D 32 13.49 -11.27 13.39
C GLN D 32 12.55 -12.46 13.50
N PHE D 33 13.09 -13.68 13.57
CA PHE D 33 12.24 -14.89 13.60
C PHE D 33 12.64 -15.90 14.69
N VAL D 34 13.88 -15.78 15.20
CA VAL D 34 14.38 -16.65 16.30
C VAL D 34 15.26 -15.95 17.34
N ARG D 35 15.18 -16.44 18.57
CA ARG D 35 16.04 -15.96 19.65
C ARG D 35 16.61 -17.11 20.47
N PHE D 36 17.63 -16.83 21.25
CA PHE D 36 18.10 -17.74 22.27
C PHE D 36 18.92 -16.85 23.15
N ASP D 37 18.89 -17.16 24.44
CA ASP D 37 19.49 -16.29 25.41
C ASP D 37 19.80 -17.15 26.60
N SER D 38 21.09 -17.38 26.84
CA SER D 38 21.52 -18.14 28.00
C SER D 38 20.78 -17.71 29.27
N ASP D 39 20.49 -16.43 29.41
CA ASP D 39 19.88 -15.93 30.64
C ASP D 39 18.38 -16.19 30.84
N ALA D 40 17.67 -16.45 29.74
CA ALA D 40 16.21 -16.67 29.77
C ALA D 40 15.87 -18.08 30.24
N ALA D 41 14.60 -18.29 30.58
CA ALA D 41 14.19 -19.50 31.30
C ALA D 41 14.03 -20.76 30.45
N SER D 42 14.06 -20.61 29.14
CA SER D 42 13.76 -21.72 28.23
C SER D 42 14.94 -22.65 27.93
N GLN D 43 16.14 -22.09 27.80
CA GLN D 43 17.31 -22.85 27.30
C GLN D 43 17.11 -23.48 25.91
N ARG D 44 16.13 -23.00 25.15
CA ARG D 44 15.76 -23.63 23.89
C ARG D 44 15.69 -22.56 22.85
N MET D 45 16.08 -22.85 21.61
CA MET D 45 15.84 -21.88 20.56
C MET D 45 14.34 -21.65 20.49
N GLU D 46 13.93 -20.44 20.82
CA GLU D 46 12.54 -20.02 20.79
C GLU D 46 12.20 -19.30 19.48
N PRO D 47 10.97 -19.51 18.98
CA PRO D 47 10.44 -18.80 17.81
C PRO D 47 10.01 -17.42 18.17
N ARG D 48 10.32 -16.47 17.30
CA ARG D 48 9.85 -15.11 17.48
C ARG D 48 8.87 -14.68 16.36
N ALA D 49 8.43 -15.62 15.52
CA ALA D 49 7.48 -15.32 14.44
C ALA D 49 6.43 -16.39 14.30
N PRO D 50 5.16 -15.99 14.14
CA PRO D 50 4.16 -17.06 14.06
C PRO D 50 4.43 -18.05 12.94
N TRP D 51 5.01 -17.59 11.83
CA TRP D 51 5.23 -18.45 10.66
C TRP D 51 6.48 -19.32 10.78
N ILE D 52 7.17 -19.25 11.91
CA ILE D 52 8.21 -20.24 12.16
C ILE D 52 7.70 -21.26 13.16
N GLU D 53 6.59 -20.93 13.83
CA GLU D 53 6.07 -21.70 14.95
C GLU D 53 5.63 -23.03 14.42
N GLN D 54 5.09 -22.99 13.19
CA GLN D 54 4.57 -24.14 12.48
C GLN D 54 5.61 -25.24 12.21
N GLU D 55 6.88 -24.94 12.46
CA GLU D 55 7.90 -25.97 12.30
C GLU D 55 7.85 -27.04 13.39
N GLY D 56 8.21 -28.26 13.02
CA GLY D 56 8.18 -29.41 13.92
C GLY D 56 9.20 -29.36 15.03
N PRO D 57 9.19 -30.38 15.90
CA PRO D 57 10.13 -30.41 17.01
C PRO D 57 11.54 -30.80 16.57
N GLU D 58 11.67 -31.61 15.52
CA GLU D 58 12.98 -32.01 15.00
C GLU D 58 13.77 -30.76 14.63
N TYR D 59 13.01 -29.75 14.18
CA TYR D 59 13.59 -28.47 13.85
C TYR D 59 14.03 -27.79 15.13
N TRP D 60 13.13 -27.73 16.10
CA TRP D 60 13.41 -27.10 17.39
C TRP D 60 14.53 -27.79 18.17
N ASP D 61 14.54 -29.13 18.15
CA ASP D 61 15.64 -29.90 18.72
C ASP D 61 16.95 -29.55 18.04
N GLY D 62 16.95 -29.59 16.71
CA GLY D 62 18.17 -29.42 15.93
C GLY D 62 18.78 -28.08 16.23
N GLU D 63 17.93 -27.06 16.15
CA GLU D 63 18.30 -25.68 16.30
C GLU D 63 18.85 -25.34 17.68
N THR D 64 18.25 -25.95 18.72
CA THR D 64 18.73 -25.85 20.09
C THR D 64 20.09 -26.54 20.31
N ARG D 65 20.30 -27.64 19.62
CA ARG D 65 21.61 -28.31 19.61
C ARG D 65 22.64 -27.42 18.94
N LYS D 66 22.23 -26.79 17.86
CA LYS D 66 23.21 -26.09 17.05
C LYS D 66 23.58 -24.77 17.72
N VAL D 67 22.61 -24.15 18.38
CA VAL D 67 22.84 -22.90 19.08
C VAL D 67 23.68 -23.13 20.36
N LYS D 68 23.44 -24.22 21.06
CA LYS D 68 24.24 -24.61 22.23
C LYS D 68 25.68 -24.94 21.84
N ALA D 69 25.81 -25.64 20.72
CA ALA D 69 27.11 -25.94 20.17
C ALA D 69 27.78 -24.64 19.87
N HIS D 70 27.04 -23.70 19.32
CA HIS D 70 27.58 -22.37 19.03
C HIS D 70 28.00 -21.67 20.34
N SER D 71 27.11 -21.61 21.33
CA SER D 71 27.47 -20.99 22.62
C SER D 71 28.72 -21.60 23.24
N GLN D 72 28.89 -22.91 23.08
CA GLN D 72 30.08 -23.59 23.63
C GLN D 72 31.34 -23.21 22.89
N THR D 73 31.30 -23.05 21.57
CA THR D 73 32.51 -22.53 20.94
C THR D 73 32.85 -21.07 21.36
N HIS D 74 31.85 -20.20 21.48
CA HIS D 74 32.10 -18.83 21.98
C HIS D 74 32.54 -18.76 23.41
N ARG D 75 32.10 -19.72 24.22
CA ARG D 75 32.57 -19.86 25.59
C ARG D 75 34.07 -20.15 25.65
N VAL D 76 34.53 -21.09 24.84
CA VAL D 76 35.96 -21.31 24.71
C VAL D 76 36.67 -20.10 24.10
N ASP D 77 36.05 -19.43 23.10
CA ASP D 77 36.74 -18.30 22.43
C ASP D 77 37.13 -17.15 23.39
N LEU D 78 36.26 -16.85 24.34
CA LEU D 78 36.52 -15.78 25.27
C LEU D 78 37.74 -16.07 26.14
N GLY D 79 37.85 -17.29 26.65
CA GLY D 79 39.04 -17.68 27.42
C GLY D 79 40.28 -17.53 26.56
N THR D 80 40.13 -17.85 25.27
CA THR D 80 41.27 -17.95 24.38
C THR D 80 41.71 -16.55 24.02
N LEU D 81 40.77 -15.71 23.64
CA LEU D 81 41.08 -14.33 23.27
C LEU D 81 41.64 -13.48 24.42
N ARG D 82 41.05 -13.63 25.60
CA ARG D 82 41.62 -13.03 26.81
C ARG D 82 43.11 -13.44 26.90
N GLY D 83 43.41 -14.69 26.56
CA GLY D 83 44.80 -15.18 26.52
C GLY D 83 45.63 -14.50 25.42
N TYR D 84 45.14 -14.49 24.19
CA TYR D 84 45.83 -13.80 23.09
C TYR D 84 46.03 -12.32 23.31
N TYR D 85 45.20 -11.68 24.14
CA TYR D 85 45.34 -10.26 24.35
C TYR D 85 45.84 -9.88 25.72
N ASN D 86 46.35 -10.88 26.44
CA ASN D 86 46.99 -10.69 27.74
C ASN D 86 46.15 -9.84 28.66
N GLN D 87 44.86 -10.14 28.73
CA GLN D 87 43.90 -9.29 29.44
C GLN D 87 43.54 -9.91 30.76
N SER D 88 43.24 -9.06 31.74
CA SER D 88 42.94 -9.60 33.06
C SER D 88 41.57 -10.29 33.09
N GLU D 89 41.45 -11.25 34.01
CA GLU D 89 40.21 -11.97 34.30
C GLU D 89 39.26 -10.98 34.97
N ALA D 90 39.76 -9.77 35.22
CA ALA D 90 38.98 -8.68 35.80
C ALA D 90 37.92 -8.11 34.86
N GLY D 91 38.31 -7.86 33.61
CA GLY D 91 37.43 -7.17 32.65
C GLY D 91 36.33 -8.04 32.09
N SER D 92 35.37 -7.38 31.45
CA SER D 92 34.30 -8.02 30.68
C SER D 92 34.64 -7.80 29.20
N HIS D 93 34.35 -8.79 28.36
CA HIS D 93 34.71 -8.68 26.97
C HIS D 93 33.63 -9.25 26.14
N THR D 94 33.61 -8.88 24.85
CA THR D 94 32.53 -9.27 23.93
C THR D 94 33.05 -9.96 22.67
N VAL D 95 32.43 -11.07 22.31
CA VAL D 95 32.70 -11.72 21.04
C VAL D 95 31.46 -11.54 20.21
N GLN D 96 31.59 -11.06 18.98
CA GLN D 96 30.41 -11.04 18.10
C GLN D 96 30.68 -11.78 16.84
N ARG D 97 29.64 -12.44 16.34
CA ARG D 97 29.73 -13.16 15.13
C ARG D 97 28.47 -12.93 14.29
N MET D 98 28.68 -12.68 13.01
CA MET D 98 27.53 -12.59 12.11
C MET D 98 27.77 -13.48 10.91
N TYR D 99 26.74 -14.19 10.46
CA TYR D 99 26.84 -14.85 9.19
C TYR D 99 25.53 -14.95 8.49
N GLY D 100 25.56 -14.98 7.15
CA GLY D 100 24.32 -14.91 6.40
C GLY D 100 24.36 -15.14 4.93
N CYS D 101 23.17 -15.32 4.39
CA CYS D 101 22.90 -15.65 3.02
C CYS D 101 22.13 -14.51 2.40
N ASP D 102 22.57 -14.10 1.21
CA ASP D 102 21.79 -13.26 0.30
C ASP D 102 21.40 -14.10 -0.90
N VAL D 103 20.15 -14.00 -1.32
CA VAL D 103 19.76 -14.45 -2.64
C VAL D 103 19.41 -13.22 -3.45
N GLY D 104 19.14 -13.41 -4.73
CA GLY D 104 18.75 -12.32 -5.61
C GLY D 104 17.24 -12.35 -5.80
N SER D 105 16.73 -11.51 -6.69
CA SER D 105 15.31 -11.49 -6.96
C SER D 105 14.82 -12.83 -7.53
N ASP D 106 15.70 -13.51 -8.27
CA ASP D 106 15.45 -14.87 -8.77
C ASP D 106 15.45 -15.99 -7.70
N TRP D 107 15.96 -15.67 -6.49
CA TRP D 107 16.04 -16.57 -5.31
C TRP D 107 17.23 -17.53 -5.30
N ARG D 108 18.25 -17.14 -6.03
CA ARG D 108 19.49 -17.88 -6.11
C ARG D 108 20.57 -17.09 -5.38
N PHE D 109 21.44 -17.86 -4.72
CA PHE D 109 22.61 -17.37 -4.03
C PHE D 109 23.21 -16.17 -4.71
N LEU D 110 23.38 -15.11 -3.92
CA LEU D 110 23.98 -13.87 -4.40
C LEU D 110 25.30 -13.67 -3.68
N ARG D 111 25.28 -13.69 -2.35
CA ARG D 111 26.53 -13.60 -1.60
C ARG D 111 26.43 -14.14 -0.19
N GLY D 112 27.57 -14.47 0.39
CA GLY D 112 27.67 -14.91 1.79
C GLY D 112 28.62 -14.13 2.68
N TYR D 113 28.30 -14.10 3.98
CA TYR D 113 29.00 -13.26 4.94
C TYR D 113 29.33 -14.11 6.10
N HIS D 114 30.47 -13.83 6.69
CA HIS D 114 30.80 -14.40 7.97
C HIS D 114 31.90 -13.58 8.56
N GLN D 115 31.59 -12.91 9.65
CA GLN D 115 32.53 -11.98 10.24
C GLN D 115 32.55 -12.17 11.77
N TYR D 116 33.64 -11.84 12.42
CA TYR D 116 33.76 -12.14 13.82
C TYR D 116 34.50 -10.97 14.44
N ALA D 117 33.90 -10.44 15.50
CA ALA D 117 34.46 -9.32 16.21
C ALA D 117 34.77 -9.62 17.68
N TYR D 118 35.81 -8.97 18.14
CA TYR D 118 36.20 -9.04 19.54
C TYR D 118 36.30 -7.64 20.10
N ASP D 119 35.56 -7.40 21.17
CA ASP D 119 35.52 -6.08 21.80
C ASP D 119 35.22 -4.95 20.81
N GLY D 120 34.24 -5.18 19.93
CA GLY D 120 33.69 -4.14 19.03
C GLY D 120 34.57 -3.68 17.88
N LYS D 121 35.62 -4.46 17.59
CA LYS D 121 36.56 -4.20 16.49
C LYS D 121 36.57 -5.50 15.66
N ASP D 122 36.86 -5.41 14.36
CA ASP D 122 36.95 -6.60 13.50
C ASP D 122 38.05 -7.50 14.04
N TYR D 123 37.83 -8.80 13.96
CA TYR D 123 38.86 -9.75 14.39
C TYR D 123 39.22 -10.62 13.22
N ILE D 124 38.24 -11.27 12.64
CA ILE D 124 38.48 -12.01 11.42
C ILE D 124 37.26 -12.02 10.47
N ALA D 125 37.46 -11.75 9.19
CA ALA D 125 36.32 -11.80 8.32
C ALA D 125 36.54 -12.73 7.14
N LEU D 126 35.48 -13.40 6.75
CA LEU D 126 35.51 -14.14 5.51
C LEU D 126 35.35 -13.15 4.36
N LYS D 127 36.24 -13.23 3.38
CA LYS D 127 36.23 -12.36 2.19
C LYS D 127 35.11 -12.79 1.24
N GLU D 128 34.59 -11.86 0.43
CA GLU D 128 33.43 -12.12 -0.44
C GLU D 128 33.49 -13.40 -1.28
N ASP D 129 34.63 -13.66 -1.92
CA ASP D 129 34.91 -14.92 -2.61
C ASP D 129 34.71 -16.20 -1.73
N LEU D 130 34.70 -16.03 -0.41
CA LEU D 130 34.46 -17.12 0.53
C LEU D 130 35.55 -18.18 0.58
N ARG D 131 36.76 -17.78 0.25
CA ARG D 131 37.88 -18.70 0.16
C ARG D 131 39.05 -18.21 1.01
N SER D 132 38.92 -17.01 1.56
CA SER D 132 40.04 -16.43 2.31
C SER D 132 39.64 -15.48 3.43
N TRP D 133 40.60 -15.26 4.31
CA TRP D 133 40.38 -14.50 5.51
C TRP D 133 41.16 -13.23 5.48
N THR D 134 40.44 -12.15 5.79
CA THR D 134 40.97 -10.90 6.30
C THR D 134 41.11 -11.00 7.81
N ALA D 135 42.32 -10.76 8.31
CA ALA D 135 42.66 -10.86 9.73
C ALA D 135 43.19 -9.54 10.21
N ALA D 136 42.64 -9.10 11.35
CA ALA D 136 43.01 -7.81 11.96
C ALA D 136 44.45 -7.79 12.52
N ASP D 137 44.61 -8.34 13.72
CA ASP D 137 45.88 -8.28 14.44
C ASP D 137 46.61 -9.61 14.28
N MET D 138 47.78 -9.74 14.92
CA MET D 138 48.50 -10.99 15.01
C MET D 138 47.67 -12.06 15.70
N ALA D 139 46.82 -11.67 16.63
CA ALA D 139 45.99 -12.65 17.25
C ALA D 139 45.05 -13.32 16.22
N ALA D 140 44.46 -12.53 15.31
CA ALA D 140 43.56 -13.08 14.30
C ALA D 140 44.33 -13.99 13.36
N GLN D 141 45.62 -13.67 13.21
CA GLN D 141 46.57 -14.40 12.40
C GLN D 141 46.69 -15.85 12.80
N THR D 142 46.76 -16.07 14.10
CA THR D 142 46.86 -17.40 14.66
C THR D 142 45.62 -18.18 14.28
N THR D 143 44.49 -17.47 14.31
CA THR D 143 43.20 -18.03 14.00
C THR D 143 43.13 -18.37 12.49
N LYS D 144 43.45 -17.41 11.63
CA LYS D 144 43.54 -17.66 10.18
C LYS D 144 44.16 -19.02 9.92
N HIS D 145 45.34 -19.26 10.51
CA HIS D 145 46.11 -20.51 10.27
C HIS D 145 45.41 -21.77 10.76
N LYS D 146 44.79 -21.67 11.95
CA LYS D 146 44.01 -22.77 12.51
C LYS D 146 42.77 -23.06 11.63
N TRP D 147 42.14 -21.97 11.19
CA TRP D 147 40.92 -22.06 10.42
C TRP D 147 41.20 -22.58 9.00
N GLU D 148 42.34 -22.16 8.42
CA GLU D 148 42.84 -22.67 7.17
C GLU D 148 43.05 -24.17 7.18
N ALA D 149 43.83 -24.63 8.16
CA ALA D 149 44.13 -26.03 8.37
C ALA D 149 42.85 -26.79 8.52
N ALA D 150 41.92 -26.26 9.29
CA ALA D 150 40.62 -26.91 9.42
C ALA D 150 39.68 -26.68 8.23
N HIS D 151 40.15 -26.05 7.16
CA HIS D 151 39.24 -25.67 6.04
C HIS D 151 37.92 -25.01 6.43
N VAL D 152 37.92 -24.24 7.52
CA VAL D 152 36.72 -23.59 8.02
C VAL D 152 35.95 -22.91 6.88
N ALA D 153 36.70 -22.21 6.02
CA ALA D 153 36.10 -21.37 4.97
C ALA D 153 35.22 -22.18 4.02
N GLU D 154 35.77 -23.32 3.61
CA GLU D 154 35.07 -24.24 2.74
C GLU D 154 33.82 -24.74 3.43
N GLN D 155 33.94 -25.00 4.72
CA GLN D 155 32.82 -25.51 5.49
C GLN D 155 31.71 -24.48 5.41
N LEU D 156 32.01 -23.24 5.80
CA LEU D 156 31.02 -22.15 5.77
C LEU D 156 30.51 -21.84 4.39
N ARG D 157 31.34 -22.08 3.38
CA ARG D 157 30.95 -21.82 2.02
C ARG D 157 29.98 -22.87 1.52
N ALA D 158 30.13 -24.11 1.97
CA ALA D 158 29.13 -25.11 1.61
C ALA D 158 27.83 -24.67 2.27
N TYR D 159 27.88 -24.40 3.57
CA TYR D 159 26.68 -23.97 4.26
C TYR D 159 25.97 -22.81 3.56
N LEU D 160 26.70 -21.70 3.41
CA LEU D 160 26.18 -20.47 2.84
C LEU D 160 25.66 -20.69 1.41
N GLU D 161 26.42 -21.36 0.55
CA GLU D 161 26.06 -21.59 -0.84
C GLU D 161 25.10 -22.79 -1.02
N GLY D 162 24.62 -23.32 0.09
CA GLY D 162 23.72 -24.47 0.07
C GLY D 162 22.61 -24.29 1.09
N THR D 163 22.58 -25.20 2.05
CA THR D 163 21.70 -25.20 3.24
C THR D 163 21.02 -23.89 3.61
N CYS D 164 21.78 -22.81 3.58
CA CYS D 164 21.25 -21.60 4.12
C CYS D 164 20.38 -20.86 3.12
N VAL D 165 20.70 -20.97 1.83
CA VAL D 165 19.79 -20.47 0.79
C VAL D 165 18.62 -21.42 0.61
N GLU D 166 18.89 -22.72 0.78
CA GLU D 166 17.85 -23.74 0.85
C GLU D 166 16.80 -23.25 1.86
N TRP D 167 17.23 -23.05 3.10
CA TRP D 167 16.37 -22.63 4.22
C TRP D 167 15.82 -21.22 4.08
N LEU D 168 16.61 -20.32 3.51
CA LEU D 168 16.07 -18.99 3.19
C LEU D 168 14.85 -19.11 2.26
N ARG D 169 15.00 -19.87 1.17
CA ARG D 169 13.90 -20.06 0.20
C ARG D 169 12.66 -20.65 0.86
N ARG D 170 12.85 -21.63 1.73
CA ARG D 170 11.75 -22.24 2.47
C ARG D 170 11.01 -21.26 3.43
N TYR D 171 11.74 -20.40 4.16
CA TYR D 171 11.04 -19.40 5.02
C TYR D 171 10.27 -18.39 4.17
N LEU D 172 10.78 -18.12 2.97
CA LEU D 172 10.15 -17.20 2.07
C LEU D 172 8.82 -17.79 1.59
N GLU D 173 8.79 -19.11 1.38
CA GLU D 173 7.54 -19.75 1.01
C GLU D 173 6.64 -19.97 2.22
N ASN D 174 7.22 -20.15 3.41
CA ASN D 174 6.44 -20.40 4.63
C ASN D 174 5.83 -19.12 5.22
N GLY D 175 6.67 -18.13 5.46
CA GLY D 175 6.25 -16.83 5.97
C GLY D 175 5.83 -15.90 4.86
N LYS D 176 5.06 -16.45 3.92
CA LYS D 176 4.60 -15.76 2.74
C LYS D 176 4.05 -14.38 3.04
N GLU D 177 2.97 -14.33 3.81
CA GLU D 177 2.24 -13.08 4.05
C GLU D 177 3.12 -11.98 4.65
N THR D 178 4.07 -12.37 5.49
CA THR D 178 4.95 -11.44 6.21
C THR D 178 6.22 -11.02 5.45
N LEU D 179 6.90 -11.99 4.85
CA LEU D 179 8.21 -11.72 4.28
C LEU D 179 8.21 -11.21 2.84
N GLN D 180 7.16 -11.49 2.08
CA GLN D 180 7.19 -11.11 0.68
C GLN D 180 6.15 -10.02 0.43
N ARG D 181 5.98 -9.20 1.46
CA ARG D 181 5.13 -8.04 1.40
C ARG D 181 6.05 -6.83 1.35
N THR D 182 5.48 -5.78 0.79
CA THR D 182 6.02 -4.46 0.88
C THR D 182 4.92 -3.65 1.58
N ASP D 183 5.26 -3.01 2.70
CA ASP D 183 4.35 -2.09 3.37
C ASP D 183 4.83 -0.68 3.01
N ALA D 184 4.04 0.03 2.20
CA ALA D 184 4.47 1.35 1.73
C ALA D 184 4.30 2.38 2.85
N PRO D 185 5.18 3.39 2.88
CA PRO D 185 5.15 4.37 3.93
C PRO D 185 3.86 5.19 3.88
N LYS D 186 3.29 5.45 5.05
CA LYS D 186 2.26 6.44 5.18
C LYS D 186 3.01 7.70 5.53
N THR D 187 2.67 8.77 4.83
CA THR D 187 3.46 9.96 4.90
C THR D 187 2.57 11.09 5.28
N HIS D 188 3.16 12.11 5.88
CA HIS D 188 2.50 13.39 6.18
C HIS D 188 3.57 14.42 6.60
N MET D 189 3.18 15.68 6.62
CA MET D 189 4.09 16.70 7.06
C MET D 189 3.49 17.43 8.22
N THR D 190 4.29 17.75 9.24
CA THR D 190 3.83 18.69 10.22
C THR D 190 4.55 20.01 10.04
N HIS D 191 3.87 21.08 10.46
CA HIS D 191 4.37 22.43 10.42
C HIS D 191 4.25 23.02 11.81
N HIS D 192 5.33 23.54 12.36
CA HIS D 192 5.21 24.25 13.63
C HIS D 192 6.07 25.50 13.58
N ALA D 193 5.38 26.62 13.77
CA ALA D 193 5.99 27.94 13.81
C ALA D 193 6.94 28.04 14.99
N VAL D 194 8.19 28.41 14.75
CA VAL D 194 9.14 28.65 15.85
C VAL D 194 9.37 30.14 16.25
N SER D 195 9.11 31.10 15.37
CA SER D 195 9.20 32.56 15.70
C SER D 195 8.70 33.42 14.52
N ASP D 196 8.90 34.73 14.59
CA ASP D 196 8.45 35.60 13.51
C ASP D 196 9.21 35.26 12.26
N HIS D 197 10.35 34.57 12.44
CA HIS D 197 11.25 34.39 11.30
C HIS D 197 11.47 32.99 10.74
N GLU D 198 10.84 31.98 11.35
CA GLU D 198 11.17 30.57 11.12
C GLU D 198 10.00 29.61 11.47
N ALA D 199 9.99 28.42 10.87
CA ALA D 199 8.99 27.36 11.16
C ALA D 199 9.65 26.06 10.87
N THR D 200 9.20 25.00 11.56
CA THR D 200 9.72 23.65 11.41
C THR D 200 8.81 22.91 10.47
N LEU D 201 9.41 22.25 9.49
CA LEU D 201 8.71 21.29 8.68
C LEU D 201 9.35 19.95 8.89
N ARG D 202 8.47 19.00 9.22
CA ARG D 202 8.80 17.61 9.59
C ARG D 202 7.99 16.71 8.70
N CYS D 203 8.72 15.97 7.88
CA CYS D 203 8.17 15.00 6.97
C CYS D 203 8.30 13.58 7.60
N TRP D 204 7.18 12.88 7.65
CA TRP D 204 7.06 11.56 8.29
C TRP D 204 6.90 10.41 7.32
N ALA D 205 7.48 9.29 7.67
CA ALA D 205 7.24 8.04 6.97
C ALA D 205 7.01 6.97 8.05
N LEU D 206 5.76 6.48 8.10
CA LEU D 206 5.31 5.48 9.09
C LEU D 206 4.90 4.18 8.42
N SER D 207 5.14 3.07 9.12
CA SER D 207 4.60 1.75 8.78
C SER D 207 5.10 1.18 7.48
N PHE D 208 6.34 1.48 7.17
CA PHE D 208 6.94 0.93 5.99
C PHE D 208 7.74 -0.37 6.28
N TYR D 209 7.85 -1.21 5.25
CA TYR D 209 8.64 -2.42 5.27
C TYR D 209 8.99 -2.71 3.85
N PRO D 210 10.26 -2.94 3.55
CA PRO D 210 11.42 -3.08 4.44
C PRO D 210 11.97 -1.76 4.96
N ALA D 211 13.12 -1.81 5.62
CA ALA D 211 13.61 -0.69 6.37
C ALA D 211 14.24 0.37 5.47
N GLU D 212 14.89 -0.10 4.42
CA GLU D 212 15.47 0.76 3.42
C GLU D 212 14.49 1.86 2.98
N ILE D 213 14.93 3.10 3.05
CA ILE D 213 14.10 4.24 2.64
C ILE D 213 14.95 5.47 2.49
N THR D 214 14.50 6.38 1.63
CA THR D 214 15.14 7.71 1.50
C THR D 214 14.14 8.85 1.65
N LEU D 215 14.38 9.73 2.62
CA LEU D 215 13.70 11.00 2.64
C LEU D 215 14.69 12.11 2.61
N THR D 216 14.35 13.14 1.84
CA THR D 216 15.29 14.14 1.40
C THR D 216 14.56 15.42 1.05
N TRP D 217 15.11 16.55 1.50
CA TRP D 217 14.46 17.82 1.40
C TRP D 217 15.05 18.60 0.23
N GLN D 218 14.21 19.41 -0.37
CA GLN D 218 14.64 20.27 -1.45
C GLN D 218 14.11 21.67 -1.20
N ARG D 219 14.93 22.69 -1.44
CA ARG D 219 14.42 24.04 -1.55
C ARG D 219 14.45 24.35 -3.01
N ASP D 220 13.27 24.67 -3.54
CA ASP D 220 13.06 24.92 -4.97
C ASP D 220 13.68 23.83 -5.82
N GLY D 221 14.78 24.19 -6.48
CA GLY D 221 15.48 23.20 -7.28
C GLY D 221 16.19 22.17 -6.39
N GLU D 222 17.07 22.70 -5.54
CA GLU D 222 18.26 21.97 -5.16
C GLU D 222 18.20 21.18 -3.85
N ASP D 223 19.05 20.15 -3.82
CA ASP D 223 19.24 19.18 -2.75
C ASP D 223 19.08 19.53 -1.26
N GLN D 224 19.27 20.77 -0.83
CA GLN D 224 19.12 21.07 0.61
C GLN D 224 20.03 20.17 1.44
N THR D 225 21.30 20.20 1.02
CA THR D 225 22.45 19.73 1.77
C THR D 225 22.33 20.22 3.20
N GLN D 226 21.68 21.39 3.32
CA GLN D 226 21.58 22.22 4.51
C GLN D 226 21.20 21.52 5.83
N ASP D 227 21.01 22.33 6.85
CA ASP D 227 20.69 21.83 8.16
C ASP D 227 19.20 21.44 8.16
N THR D 228 19.00 20.30 7.51
CA THR D 228 17.93 19.35 7.79
C THR D 228 18.35 18.47 9.00
N GLU D 229 17.39 18.16 9.86
CA GLU D 229 17.54 17.19 10.93
C GLU D 229 16.84 15.92 10.48
N LEU D 230 17.58 14.82 10.46
CA LEU D 230 17.14 13.52 10.00
C LEU D 230 17.43 12.46 11.06
N VAL D 231 16.41 11.73 11.52
CA VAL D 231 16.69 10.65 12.45
C VAL D 231 16.99 9.35 11.75
N GLU D 232 17.65 8.46 12.48
CA GLU D 232 17.79 7.06 12.13
C GLU D 232 16.45 6.34 12.00
N THR D 233 16.37 5.47 11.00
CA THR D 233 15.22 4.62 10.82
C THR D 233 15.13 3.78 12.05
N ARG D 234 13.89 3.51 12.46
CA ARG D 234 13.58 2.97 13.78
C ARG D 234 12.36 2.08 13.73
N PRO D 235 12.43 0.92 14.41
CA PRO D 235 11.35 -0.08 14.38
C PRO D 235 10.14 0.46 15.11
N ALA D 236 8.98 0.48 14.45
CA ALA D 236 7.72 0.89 15.09
C ALA D 236 7.41 -0.04 16.26
N GLY D 237 7.90 -1.27 16.17
CA GLY D 237 7.67 -2.24 17.23
C GLY D 237 6.59 -3.22 16.89
N ASP D 238 6.07 -3.16 15.67
CA ASP D 238 5.11 -4.14 15.16
C ASP D 238 5.52 -4.73 13.85
N GLY D 239 6.81 -4.67 13.55
CA GLY D 239 7.32 -5.20 12.29
C GLY D 239 7.32 -4.16 11.19
N THR D 240 7.14 -2.89 11.54
CA THR D 240 7.25 -1.80 10.56
C THR D 240 8.29 -0.80 11.01
N PHE D 241 8.54 0.19 10.17
CA PHE D 241 9.57 1.17 10.46
C PHE D 241 9.06 2.61 10.33
N GLN D 242 9.81 3.53 10.94
CA GLN D 242 9.45 4.91 10.97
C GLN D 242 10.69 5.70 10.63
N LYS D 243 10.49 6.89 10.10
CA LYS D 243 11.59 7.82 9.87
C LYS D 243 10.99 9.19 9.67
N TRP D 244 11.70 10.25 10.10
CA TRP D 244 11.31 11.59 9.75
C TRP D 244 12.50 12.41 9.46
N ALA D 245 12.24 13.49 8.73
CA ALA D 245 13.24 14.45 8.34
C ALA D 245 12.67 15.83 8.54
N ALA D 246 13.41 16.72 9.19
CA ALA D 246 12.92 18.08 9.45
C ALA D 246 13.89 19.10 8.93
N VAL D 247 13.33 20.28 8.64
CA VAL D 247 14.04 21.38 8.05
C VAL D 247 13.49 22.57 8.77
N VAL D 248 14.33 23.53 9.09
CA VAL D 248 13.76 24.76 9.67
C VAL D 248 13.82 25.79 8.57
N VAL D 249 12.73 26.50 8.36
CA VAL D 249 12.59 27.33 7.13
C VAL D 249 12.10 28.71 7.51
N PRO D 250 12.45 29.74 6.71
CA PRO D 250 11.85 31.03 7.01
C PRO D 250 10.36 31.02 6.77
N SER D 251 9.64 31.69 7.66
CA SER D 251 8.20 31.79 7.58
C SER D 251 7.69 32.43 6.29
N GLY D 252 6.64 31.86 5.72
CA GLY D 252 6.13 32.31 4.45
C GLY D 252 6.86 31.66 3.30
N GLN D 253 7.95 30.98 3.59
CA GLN D 253 8.67 30.23 2.57
C GLN D 253 8.39 28.75 2.58
N GLU D 254 7.48 28.29 3.42
CA GLU D 254 7.36 26.83 3.56
C GLU D 254 7.00 26.07 2.27
N GLN D 255 6.29 26.76 1.37
CA GLN D 255 5.95 26.19 0.07
C GLN D 255 7.15 26.17 -0.94
N ARG D 256 8.29 26.78 -0.64
CA ARG D 256 9.48 26.52 -1.47
C ARG D 256 10.14 25.17 -1.17
N TYR D 257 9.69 24.49 -0.11
CA TYR D 257 10.34 23.26 0.33
C TYR D 257 9.54 22.01 -0.03
N THR D 258 10.26 20.94 -0.35
CA THR D 258 9.60 19.74 -0.76
C THR D 258 10.32 18.52 -0.15
N CYS D 259 9.55 17.66 0.48
CA CYS D 259 10.09 16.41 1.01
C CYS D 259 9.86 15.25 0.04
N HIS D 260 10.96 14.58 -0.33
CA HIS D 260 10.98 13.45 -1.28
C HIS D 260 11.09 12.10 -0.62
N VAL D 261 10.12 11.24 -0.87
CA VAL D 261 10.17 9.91 -0.32
C VAL D 261 10.44 8.89 -1.41
N GLN D 262 11.49 8.11 -1.20
CA GLN D 262 11.78 6.98 -2.06
C GLN D 262 11.77 5.68 -1.24
N HIS D 263 10.83 4.80 -1.57
CA HIS D 263 10.71 3.47 -0.97
C HIS D 263 10.34 2.41 -2.03
N GLU D 264 10.96 1.23 -1.92
CA GLU D 264 10.60 0.06 -2.69
C GLU D 264 9.10 -0.04 -2.85
N GLY D 265 8.36 0.35 -1.81
CA GLY D 265 6.93 0.08 -1.74
C GLY D 265 6.06 1.11 -2.40
N LEU D 266 6.69 2.13 -2.99
CA LEU D 266 6.00 3.17 -3.75
C LEU D 266 6.21 2.98 -5.26
N PRO D 267 5.10 2.94 -6.02
CA PRO D 267 5.13 2.92 -7.50
C PRO D 267 6.06 4.02 -8.00
N LYS D 268 5.72 5.26 -7.64
CA LYS D 268 6.54 6.46 -7.86
C LYS D 268 7.05 7.05 -6.54
N PRO D 269 8.28 7.57 -6.55
CA PRO D 269 8.74 8.38 -5.42
C PRO D 269 7.76 9.51 -5.08
N LEU D 270 7.49 9.71 -3.80
CA LEU D 270 6.56 10.75 -3.40
C LEU D 270 7.23 12.07 -3.13
N THR D 271 6.50 13.13 -3.42
CA THR D 271 6.87 14.47 -3.00
C THR D 271 5.73 15.01 -2.17
N LEU D 272 6.10 15.63 -1.06
CA LEU D 272 5.14 16.21 -0.16
C LEU D 272 5.55 17.65 -0.07
N ARG D 273 4.54 18.50 0.04
CA ARG D 273 4.72 19.92 0.25
C ARG D 273 3.69 20.28 1.31
N TRP D 274 4.00 21.28 2.12
CA TRP D 274 3.14 21.74 3.16
C TRP D 274 2.00 22.54 2.56
N GLU D 275 0.79 22.17 2.95
CA GLU D 275 -0.38 22.90 2.58
C GLU D 275 -0.95 23.45 3.87
N PRO D 276 -1.01 24.78 4.01
CA PRO D 276 -1.61 25.40 5.19
C PRO D 276 -2.79 24.60 5.80
N MET E 1 39.58 -2.04 23.14
CA MET E 1 38.18 -1.90 23.65
C MET E 1 37.52 -0.66 23.02
N ILE E 2 36.51 -0.88 22.19
CA ILE E 2 35.72 0.23 21.71
C ILE E 2 34.54 0.40 22.61
N GLN E 3 34.29 1.64 22.97
CA GLN E 3 33.06 1.97 23.61
C GLN E 3 32.37 3.07 22.83
N ARG E 4 31.05 2.97 22.69
N ARG E 4 31.04 2.96 22.72
CA ARG E 4 30.26 3.94 21.96
CA ARG E 4 30.24 3.93 22.04
C ARG E 4 29.03 4.28 22.78
C ARG E 4 29.06 4.27 22.90
N THR E 5 28.81 5.56 23.03
CA THR E 5 27.62 6.01 23.73
C THR E 5 26.34 5.66 22.96
N PRO E 6 25.22 5.39 23.66
CA PRO E 6 24.01 5.05 22.92
C PRO E 6 23.27 6.26 22.36
N LYS E 7 22.86 6.17 21.10
CA LYS E 7 21.89 7.09 20.53
C LYS E 7 20.53 6.58 21.02
N ILE E 8 19.58 7.50 21.21
CA ILE E 8 18.34 7.21 21.88
C ILE E 8 17.18 7.93 21.20
N GLN E 9 16.15 7.20 20.83
CA GLN E 9 14.95 7.85 20.32
C GLN E 9 13.80 7.32 21.10
N VAL E 10 12.91 8.22 21.52
CA VAL E 10 11.73 7.88 22.29
C VAL E 10 10.50 8.33 21.48
N TYR E 11 9.56 7.43 21.20
CA TYR E 11 8.47 7.72 20.28
C TYR E 11 7.32 6.77 20.43
N SER E 12 6.15 7.12 19.90
CA SER E 12 5.06 6.18 19.88
C SER E 12 5.09 5.21 18.70
N ARG E 13 4.47 4.04 18.88
CA ARG E 13 4.26 3.07 17.80
C ARG E 13 3.30 3.57 16.73
N HIS E 14 2.21 4.23 17.15
CA HIS E 14 1.24 4.85 16.24
C HIS E 14 1.20 6.32 16.57
N PRO E 15 0.83 7.18 15.59
CA PRO E 15 0.80 8.61 15.95
C PRO E 15 -0.06 8.83 17.19
N ALA E 16 0.47 9.55 18.16
CA ALA E 16 -0.22 9.78 19.41
C ALA E 16 -1.55 10.37 19.08
N GLU E 17 -2.62 9.69 19.47
CA GLU E 17 -3.91 10.26 19.39
C GLU E 17 -4.17 11.10 20.64
N ASN E 18 -3.95 10.55 21.83
CA ASN E 18 -4.30 11.24 23.09
C ASN E 18 -5.65 10.75 23.61
N GLY E 19 -5.57 9.94 24.66
CA GLY E 19 -6.75 9.20 25.13
C GLY E 19 -6.76 7.81 24.53
N LYS E 20 -5.79 7.51 23.66
CA LYS E 20 -5.85 6.27 22.93
C LYS E 20 -4.66 5.39 23.23
N SER E 21 -4.96 4.13 23.52
CA SER E 21 -3.97 3.13 23.82
C SER E 21 -2.91 3.05 22.72
N ASN E 22 -1.64 3.15 23.11
CA ASN E 22 -0.51 3.21 22.19
C ASN E 22 0.66 2.51 22.85
N PHE E 23 1.84 2.58 22.23
CA PHE E 23 3.05 1.98 22.76
C PHE E 23 4.18 2.95 22.81
N LEU E 24 4.68 3.13 24.01
CA LEU E 24 5.76 4.02 24.22
C LEU E 24 7.03 3.18 23.98
N ASN E 25 7.89 3.73 23.14
CA ASN E 25 9.03 3.06 22.57
C ASN E 25 10.26 3.81 22.89
N CYS E 26 11.30 3.07 23.24
CA CYS E 26 12.56 3.68 23.46
C CYS E 26 13.65 2.86 22.76
N TYR E 27 14.23 3.45 21.73
CA TYR E 27 15.15 2.76 20.89
C TYR E 27 16.53 3.27 21.14
N VAL E 28 17.39 2.41 21.68
CA VAL E 28 18.75 2.79 21.95
C VAL E 28 19.66 2.06 20.97
N SER E 29 20.59 2.75 20.35
CA SER E 29 21.31 2.10 19.33
C SER E 29 22.72 2.70 19.22
N GLY E 30 23.59 2.01 18.50
CA GLY E 30 24.93 2.48 18.29
C GLY E 30 25.84 2.39 19.50
N PHE E 31 25.45 1.58 20.48
CA PHE E 31 26.26 1.47 21.70
C PHE E 31 27.20 0.26 21.68
N HIS E 32 28.31 0.38 22.40
CA HIS E 32 29.18 -0.74 22.75
C HIS E 32 29.81 -0.38 24.09
N PRO E 33 29.92 -1.34 25.02
CA PRO E 33 29.44 -2.74 25.02
C PRO E 33 27.94 -2.84 25.29
N SER E 34 27.46 -4.07 25.31
CA SER E 34 26.06 -4.36 25.20
C SER E 34 25.27 -4.12 26.46
N ASP E 35 25.95 -4.11 27.60
N ASP E 35 25.93 -4.14 27.61
CA ASP E 35 25.37 -3.87 28.91
CA ASP E 35 25.22 -3.95 28.85
C ASP E 35 24.66 -2.51 28.97
C ASP E 35 24.64 -2.55 28.96
N ILE E 36 23.32 -2.49 29.00
CA ILE E 36 22.63 -1.22 29.01
C ILE E 36 21.43 -1.27 29.92
N GLU E 37 21.02 -0.14 30.46
CA GLU E 37 19.80 -0.12 31.29
C GLU E 37 18.86 0.99 30.82
N VAL E 38 17.57 0.67 30.75
CA VAL E 38 16.62 1.53 30.10
C VAL E 38 15.36 1.53 30.94
N ASP E 39 14.95 2.70 31.43
CA ASP E 39 13.62 2.82 32.03
C ASP E 39 12.75 3.65 31.14
N LEU E 40 11.47 3.31 31.13
CA LEU E 40 10.48 4.14 30.48
C LEU E 40 9.74 4.85 31.60
N LEU E 41 9.76 6.17 31.57
CA LEU E 41 9.17 6.95 32.67
C LEU E 41 7.86 7.65 32.36
N LYS E 42 6.87 7.47 33.26
CA LYS E 42 5.67 8.27 33.36
C LYS E 42 5.85 9.23 34.54
N ASN E 43 5.68 10.52 34.28
CA ASN E 43 5.93 11.58 35.26
C ASN E 43 7.12 11.34 36.22
N GLY E 44 8.27 11.01 35.68
CA GLY E 44 9.46 10.78 36.50
C GLY E 44 9.48 9.43 37.23
N GLU E 45 8.43 8.66 37.04
CA GLU E 45 8.21 7.42 37.75
C GLU E 45 8.38 6.28 36.76
N ARG E 46 9.07 5.21 37.14
CA ARG E 46 9.27 4.07 36.22
C ARG E 46 7.95 3.36 35.82
N ILE E 47 7.73 3.08 34.53
CA ILE E 47 6.52 2.32 34.15
C ILE E 47 6.83 0.84 34.34
N GLU E 48 5.83 0.10 34.86
CA GLU E 48 6.02 -1.27 35.38
C GLU E 48 6.37 -2.34 34.33
N LYS E 49 5.39 -2.78 33.54
CA LYS E 49 5.64 -3.81 32.52
C LYS E 49 6.27 -3.26 31.23
N VAL E 50 7.59 -3.31 31.20
CA VAL E 50 8.37 -2.92 30.05
C VAL E 50 8.99 -4.14 29.40
N GLU E 51 8.84 -4.25 28.09
CA GLU E 51 9.35 -5.41 27.39
C GLU E 51 10.45 -4.98 26.45
N HIS E 52 11.26 -5.89 25.94
CA HIS E 52 12.29 -5.43 25.01
C HIS E 52 12.68 -6.48 23.99
N SER E 53 13.13 -6.03 22.86
CA SER E 53 13.56 -6.96 21.83
C SER E 53 14.93 -7.52 22.20
N ASP E 54 15.34 -8.50 21.42
CA ASP E 54 16.51 -9.31 21.67
C ASP E 54 17.68 -8.60 21.09
N LEU E 55 18.74 -8.59 21.85
CA LEU E 55 19.90 -7.80 21.56
C LEU E 55 20.35 -8.19 20.17
N SER E 56 20.43 -7.20 19.31
CA SER E 56 21.04 -7.46 18.05
C SER E 56 22.05 -6.36 17.76
N PHE E 57 22.68 -6.40 16.57
CA PHE E 57 23.73 -5.45 16.24
C PHE E 57 23.89 -5.17 14.75
N SER E 58 24.54 -4.05 14.48
CA SER E 58 24.84 -3.54 13.12
C SER E 58 26.21 -4.00 12.57
N LYS E 59 26.45 -3.63 11.32
CA LYS E 59 27.61 -3.99 10.55
C LYS E 59 28.85 -3.54 11.28
N ASP E 60 28.79 -2.29 11.79
CA ASP E 60 29.87 -1.70 12.59
C ASP E 60 29.93 -2.26 14.02
N TRP E 61 29.18 -3.35 14.26
CA TRP E 61 29.13 -4.01 15.56
C TRP E 61 28.50 -3.28 16.75
N SER E 62 28.00 -2.06 16.57
CA SER E 62 27.27 -1.43 17.67
C SER E 62 25.93 -2.11 17.86
N PHE E 63 25.51 -2.12 19.12
CA PHE E 63 24.23 -2.76 19.49
C PHE E 63 23.02 -1.88 19.38
N TYR E 64 21.86 -2.54 19.27
CA TYR E 64 20.57 -1.89 19.34
C TYR E 64 19.50 -2.74 20.00
N LEU E 65 18.63 -2.05 20.73
CA LEU E 65 17.49 -2.65 21.38
C LEU E 65 16.33 -1.69 21.26
N LEU E 66 15.13 -2.24 21.47
CA LEU E 66 13.88 -1.52 21.54
C LEU E 66 13.17 -1.82 22.86
N TYR E 67 13.02 -0.81 23.69
CA TYR E 67 12.20 -0.94 24.86
C TYR E 67 10.81 -0.33 24.61
N TYR E 68 9.77 -1.04 24.97
CA TYR E 68 8.46 -0.58 24.66
C TYR E 68 7.47 -1.03 25.69
N THR E 69 6.41 -0.24 25.83
CA THR E 69 5.35 -0.55 26.79
C THR E 69 4.09 0.20 26.40
N GLU E 70 2.96 -0.31 26.87
CA GLU E 70 1.68 0.22 26.56
C GLU E 70 1.50 1.50 27.37
N PHE E 71 0.90 2.49 26.75
CA PHE E 71 0.63 3.71 27.47
C PHE E 71 -0.48 4.47 26.76
N THR E 72 -1.07 5.43 27.45
CA THR E 72 -2.04 6.29 26.82
C THR E 72 -1.56 7.70 27.00
N PRO E 73 -1.17 8.35 25.89
CA PRO E 73 -0.81 9.75 25.98
C PRO E 73 -2.00 10.57 26.41
N THR E 74 -1.73 11.52 27.29
CA THR E 74 -2.66 12.57 27.65
C THR E 74 -1.91 13.85 27.40
N GLU E 75 -2.63 14.91 27.06
CA GLU E 75 -2.03 16.22 26.97
C GLU E 75 -1.29 16.59 28.26
N LYS E 76 -1.68 15.96 29.38
CA LYS E 76 -1.15 16.22 30.74
C LYS E 76 0.03 15.33 31.26
N ASP E 77 0.19 14.13 30.74
CA ASP E 77 1.24 13.27 31.31
C ASP E 77 2.55 13.38 30.55
N GLU E 78 3.67 13.46 31.26
CA GLU E 78 4.98 13.57 30.62
C GLU E 78 5.68 12.23 30.64
N TYR E 79 5.97 11.68 29.48
CA TYR E 79 6.76 10.47 29.36
C TYR E 79 8.23 10.77 28.92
N ALA E 80 9.13 9.85 29.25
CA ALA E 80 10.53 10.04 29.02
C ALA E 80 11.19 8.68 28.91
N CYS E 81 12.39 8.65 28.33
CA CYS E 81 13.28 7.50 28.40
C CYS E 81 14.55 7.82 29.24
N ARG E 82 14.86 6.98 30.25
CA ARG E 82 16.13 7.09 31.02
C ARG E 82 17.11 5.96 30.73
N VAL E 83 18.31 6.34 30.30
CA VAL E 83 19.28 5.38 29.80
C VAL E 83 20.60 5.55 30.55
N ASN E 84 21.12 4.46 31.09
CA ASN E 84 22.47 4.44 31.57
C ASN E 84 23.30 3.40 30.83
N HIS E 85 24.57 3.72 30.63
CA HIS E 85 25.52 2.88 29.95
C HIS E 85 26.91 3.25 30.48
N VAL E 86 27.84 2.29 30.46
CA VAL E 86 29.18 2.58 30.98
C VAL E 86 29.69 3.92 30.48
N THR E 87 29.31 4.27 29.24
CA THR E 87 29.86 5.45 28.58
C THR E 87 29.28 6.75 29.12
N LEU E 88 28.25 6.65 29.95
CA LEU E 88 27.59 7.84 30.48
C LEU E 88 27.91 8.18 31.94
N SER E 89 28.00 9.49 32.21
CA SER E 89 28.33 10.01 33.54
C SER E 89 27.12 9.99 34.45
N GLN E 90 26.04 10.57 33.96
CA GLN E 90 24.75 10.37 34.60
C GLN E 90 23.76 9.89 33.55
N PRO E 91 22.76 9.11 34.00
CA PRO E 91 21.71 8.62 33.14
C PRO E 91 21.22 9.74 32.24
N LYS E 92 21.28 9.51 30.92
CA LYS E 92 20.73 10.41 29.92
C LYS E 92 19.18 10.27 29.97
N ILE E 93 18.44 11.38 30.07
CA ILE E 93 16.98 11.30 30.09
C ILE E 93 16.40 11.95 28.82
N VAL E 94 15.70 11.17 28.00
CA VAL E 94 15.15 11.75 26.80
C VAL E 94 13.65 11.81 26.86
N LYS E 95 13.09 13.00 26.94
CA LYS E 95 11.62 13.15 27.07
C LYS E 95 10.89 12.83 25.77
N TRP E 96 9.70 12.25 25.88
CA TRP E 96 8.88 12.00 24.70
C TRP E 96 8.18 13.25 24.16
N ASP E 97 8.43 13.56 22.90
CA ASP E 97 7.63 14.50 22.14
C ASP E 97 6.76 13.77 21.12
N ARG E 98 5.46 14.07 21.07
N ARG E 98 5.47 14.12 21.11
CA ARG E 98 4.55 13.35 20.15
CA ARG E 98 4.46 13.52 20.22
C ARG E 98 4.87 13.59 18.68
C ARG E 98 4.78 13.66 18.73
N ASP E 99 5.50 14.71 18.36
CA ASP E 99 5.86 14.92 16.94
C ASP E 99 7.32 14.66 16.65
N MET E 100 7.93 13.81 17.45
CA MET E 100 9.30 13.40 17.18
C MET E 100 9.51 11.90 17.21
N PHE F 1 17.87 -21.14 9.80
CA PHE F 1 18.55 -22.44 9.97
C PHE F 1 20.05 -22.25 10.17
N LEU F 2 20.53 -22.62 11.35
CA LEU F 2 21.94 -22.41 11.70
C LEU F 2 22.82 -23.36 10.95
N THR F 3 24.06 -22.98 10.74
CA THR F 3 25.04 -23.90 10.20
C THR F 3 25.50 -24.86 11.27
N GLY F 4 25.50 -26.15 10.91
CA GLY F 4 26.06 -27.20 11.75
C GLY F 4 27.56 -27.37 11.53
N ILE F 5 28.14 -26.57 10.63
CA ILE F 5 29.54 -26.69 10.26
C ILE F 5 30.20 -25.32 10.08
N GLY F 6 31.52 -25.29 10.25
CA GLY F 6 32.29 -24.07 10.05
C GLY F 6 32.41 -23.21 11.31
N ILE F 7 31.85 -23.72 12.40
CA ILE F 7 31.91 -22.97 13.65
C ILE F 7 32.89 -23.60 14.57
N ILE F 8 34.12 -23.09 14.62
CA ILE F 8 35.06 -23.69 15.56
C ILE F 8 35.80 -22.64 16.35
N THR F 9 36.51 -23.07 17.38
CA THR F 9 37.14 -22.14 18.28
C THR F 9 38.23 -21.39 17.55
N VAL F 10 38.41 -20.13 17.91
CA VAL F 10 39.49 -19.29 17.40
C VAL F 10 40.89 -19.78 17.87
C1 EDO G . -12.11 15.68 -28.33
O1 EDO G . -12.83 14.45 -28.23
C2 EDO G . -11.64 15.82 -29.76
O2 EDO G . -12.80 15.69 -30.57
C1 EDO H . -6.29 -9.32 -34.65
O1 EDO H . -6.97 -10.28 -33.81
C2 EDO H . -5.44 -8.33 -33.85
O2 EDO H . -4.06 -8.73 -33.88
S SO4 I . -16.25 -1.67 -14.56
O1 SO4 I . -17.49 -0.90 -14.82
O2 SO4 I . -16.61 -3.07 -14.40
O3 SO4 I . -15.32 -1.53 -15.66
O4 SO4 I . -15.57 -1.13 -13.38
C1 GOL J . -22.69 22.33 13.56
O1 GOL J . -23.26 21.83 14.75
C2 GOL J . -21.74 23.36 14.07
O2 GOL J . -22.61 24.17 14.84
C3 GOL J . -21.25 24.04 12.79
O3 GOL J . -21.98 23.49 11.68
C1 EDO K . -21.44 26.49 -0.42
O1 EDO K . -21.85 26.28 0.95
C2 EDO K . -20.13 27.27 -0.45
O2 EDO K . -19.92 27.87 -1.74
C1 EDO L . -21.71 1.62 -11.45
O1 EDO L . -21.00 0.75 -12.35
C2 EDO L . -20.70 2.54 -10.82
O2 EDO L . -19.65 1.70 -10.31
C1 EDO M . -4.43 17.27 -9.44
O1 EDO M . -5.35 16.31 -8.89
C2 EDO M . -4.70 18.65 -8.85
O2 EDO M . -6.10 18.88 -8.70
C1 EDO N . -40.08 15.73 -13.82
O1 EDO N . -41.38 16.21 -13.42
C2 EDO N . -40.27 14.45 -14.61
O2 EDO N . -40.48 13.42 -13.64
C1 EDO O . -22.35 11.69 -23.26
O1 EDO O . -21.35 12.35 -24.06
C2 EDO O . -23.72 12.19 -23.70
O2 EDO O . -24.23 11.28 -24.68
C1 EDO P . 19.19 -6.52 9.88
O1 EDO P . 19.65 -7.70 9.24
C2 EDO P . 20.17 -5.49 9.36
O2 EDO P . 21.42 -6.19 9.21
C1 EDO Q . 0.76 25.40 16.11
O1 EDO Q . 1.91 24.54 16.19
C2 EDO Q . 1.18 26.73 15.50
O2 EDO Q . 2.16 26.40 14.51
C1 EDO R . 16.06 -27.71 2.48
O1 EDO R . 16.34 -28.73 3.44
C2 EDO R . 14.69 -27.95 1.85
O2 EDO R . 13.71 -27.44 2.76
C1 EDO S . 38.53 -20.36 30.52
O1 EDO S . 39.45 -21.45 30.72
C2 EDO S . 38.87 -19.22 31.49
O2 EDO S . 38.49 -17.97 30.91
C1 GOL T . 23.22 -22.71 -5.46
O1 GOL T . 24.30 -22.16 -4.71
C2 GOL T . 22.22 -21.60 -5.83
O2 GOL T . 20.88 -22.00 -5.84
C3 GOL T . 22.56 -20.96 -7.18
O3 GOL T . 22.30 -19.59 -7.01
C1 EDO U . -1.06 5.23 32.76
O1 EDO U . -1.64 3.95 32.55
C2 EDO U . 0.15 5.27 31.84
O2 EDO U . -0.32 5.04 30.50
C1 EDO V . -1.46 -3.29 18.55
O1 EDO V . -1.76 -3.90 17.29
C2 EDO V . -0.54 -2.13 18.26
O2 EDO V . -0.11 -2.22 16.89
#